data_5JCX
#
_entry.id   5JCX
#
_cell.length_a   74.680
_cell.length_b   89.730
_cell.length_c   82.840
_cell.angle_alpha   90.00
_cell.angle_beta   115.71
_cell.angle_gamma   90.00
#
_symmetry.space_group_name_H-M   'P 1 21 1'
#
loop_
_entity.id
_entity.type
_entity.pdbx_description
1 polymer 'Pteridine reductase'
2 non-polymer 'NADP NICOTINAMIDE-ADENINE-DINUCLEOTIDE PHOSPHATE'
3 non-polymer 3,5,7-trihydroxy-2-(2-hydroxyphenyl)-4H-1-benzopyran-4-one
4 non-polymer 'ACETATE ION'
5 non-polymer GLYCEROL
6 water water
#
_entity_poly.entity_id   1
_entity_poly.type   'polypeptide(L)'
_entity_poly.pdbx_seq_one_letter_code
;MGSSHHHHHHSSGLVPRGSHMEAPAAVVTGAAKRIGRAIAVKLHQTGYRVVIHYHNSAEAAVSLADELNKERSNTAVVCQ
ADLTNSNVLPASCEEIINSCFRAFGRCDVLVNNASAFYPTPLVQGDHEDNSNGKTVETQVAELIGTNAIAPFLLTMSFAQ
RQKGTNPNCTSSNLSIVNLCDAMVDQP(CSX)MAFSLYNMGKHALVGLTQSAALELAPYGIRVNGVAPGVSLLPVAMGEE
EKDKWRRKVPLGRREASAEQIADAVIFLVSGSAQYITGSIIKVDGGLSLVHA
;
_entity_poly.pdbx_strand_id   A,B,C,D
#
loop_
_chem_comp.id
_chem_comp.type
_chem_comp.name
_chem_comp.formula
ACT non-polymer 'ACETATE ION' 'C2 H3 O2 -1'
CC6 non-polymer 3,5,7-trihydroxy-2-(2-hydroxyphenyl)-4H-1-benzopyran-4-one 'C15 H10 O6'
GOL non-polymer GLYCEROL 'C3 H8 O3'
NAP non-polymer 'NADP NICOTINAMIDE-ADENINE-DINUCLEOTIDE PHOSPHATE' 'C21 H28 N7 O17 P3'
#
# COMPACT_ATOMS: atom_id res chain seq x y z
N GLU A 22 36.74 -16.44 8.24
CA GLU A 22 37.08 -15.07 8.69
C GLU A 22 35.81 -14.25 8.99
N ALA A 23 36.01 -13.02 9.45
CA ALA A 23 34.90 -12.12 9.76
C ALA A 23 34.27 -11.59 8.48
N PRO A 24 32.93 -11.47 8.44
CA PRO A 24 32.33 -10.86 7.26
C PRO A 24 32.63 -9.36 7.19
N ALA A 25 32.38 -8.78 6.02
CA ALA A 25 32.62 -7.35 5.79
C ALA A 25 31.39 -6.64 5.24
N ALA A 26 31.24 -5.39 5.66
CA ALA A 26 30.10 -4.58 5.25
C ALA A 26 30.55 -3.22 4.73
N VAL A 27 29.88 -2.73 3.67
CA VAL A 27 29.99 -1.31 3.27
C VAL A 27 28.78 -0.56 3.83
N VAL A 28 29.01 0.53 4.54
CA VAL A 28 27.93 1.45 4.93
C VAL A 28 28.18 2.83 4.28
N THR A 29 27.23 3.33 3.48
CA THR A 29 27.44 4.64 2.85
C THR A 29 27.00 5.75 3.81
N GLY A 30 27.64 6.91 3.74
CA GLY A 30 27.33 8.01 4.66
C GLY A 30 27.45 7.59 6.10
N ALA A 31 28.55 6.92 6.44
CA ALA A 31 28.70 6.28 7.75
C ALA A 31 29.48 7.08 8.79
N ALA A 32 29.87 8.31 8.48
CA ALA A 32 30.72 9.08 9.41
C ALA A 32 29.95 9.56 10.64
N LYS A 33 28.65 9.82 10.48
CA LYS A 33 27.84 10.42 11.54
CA LYS A 33 27.86 10.38 11.56
C LYS A 33 26.45 9.82 11.58
N ARG A 34 25.71 10.18 12.63
CA ARG A 34 24.27 9.98 12.68
C ARG A 34 23.87 8.52 12.44
N ILE A 35 22.83 8.26 11.65
CA ILE A 35 22.35 6.87 11.51
C ILE A 35 23.40 5.94 10.89
N GLY A 36 24.11 6.42 9.86
CA GLY A 36 25.13 5.59 9.24
C GLY A 36 26.23 5.14 10.19
N ARG A 37 26.67 6.05 11.06
CA ARG A 37 27.67 5.70 12.08
C ARG A 37 27.09 4.63 13.04
N ALA A 38 25.85 4.82 13.45
CA ALA A 38 25.24 3.86 14.37
C ALA A 38 25.15 2.46 13.75
N ILE A 39 24.84 2.40 12.46
CA ILE A 39 24.79 1.14 11.72
C ILE A 39 26.20 0.51 11.63
N ALA A 40 27.18 1.31 11.21
CA ALA A 40 28.57 0.85 11.18
C ALA A 40 29.04 0.30 12.53
N VAL A 41 28.76 1.05 13.60
CA VAL A 41 29.14 0.64 14.97
C VAL A 41 28.47 -0.69 15.36
N LYS A 42 27.16 -0.80 15.12
CA LYS A 42 26.46 -2.04 15.49
C LYS A 42 26.90 -3.24 14.63
N LEU A 43 27.17 -3.01 13.33
CA LEU A 43 27.71 -4.09 12.51
C LEU A 43 29.06 -4.53 13.08
N HIS A 44 29.90 -3.56 13.43
CA HIS A 44 31.24 -3.86 13.96
C HIS A 44 31.12 -4.65 15.28
N GLN A 45 30.19 -4.24 16.14
CA GLN A 45 29.95 -4.92 17.42
C GLN A 45 29.43 -6.34 17.21
N THR A 46 28.75 -6.56 16.09
CA THR A 46 28.26 -7.88 15.71
C THR A 46 29.37 -8.78 15.12
N GLY A 47 30.54 -8.21 14.82
CA GLY A 47 31.65 -8.98 14.28
C GLY A 47 32.05 -8.66 12.85
N TYR A 48 31.41 -7.65 12.25
CA TYR A 48 31.75 -7.25 10.87
C TYR A 48 33.00 -6.37 10.85
N ARG A 49 33.76 -6.55 9.77
CA ARG A 49 34.72 -5.54 9.34
C ARG A 49 33.93 -4.56 8.46
N VAL A 50 34.27 -3.26 8.54
CA VAL A 50 33.43 -2.25 7.90
C VAL A 50 34.23 -1.26 7.03
N VAL A 51 33.66 -0.93 5.87
CA VAL A 51 34.06 0.24 5.10
C VAL A 51 33.15 1.40 5.47
N ILE A 52 33.75 2.46 6.02
CA ILE A 52 33.03 3.68 6.40
C ILE A 52 33.11 4.65 5.20
N HIS A 53 32.07 4.70 4.38
CA HIS A 53 32.06 5.62 3.26
C HIS A 53 31.69 7.00 3.79
N TYR A 54 32.26 8.06 3.20
CA TYR A 54 31.91 9.42 3.55
C TYR A 54 32.12 10.30 2.32
N HIS A 55 31.60 11.52 2.38
CA HIS A 55 31.77 12.44 1.26
C HIS A 55 32.60 13.63 1.76
N ASN A 56 32.00 14.47 2.60
CA ASN A 56 32.67 15.66 3.16
C ASN A 56 33.22 15.47 4.58
N SER A 57 32.68 14.50 5.33
CA SER A 57 33.01 14.39 6.75
C SER A 57 34.25 13.52 7.01
N ALA A 58 35.40 13.97 6.49
CA ALA A 58 36.64 13.20 6.59
C ALA A 58 37.13 13.01 8.03
N GLU A 59 37.10 14.07 8.82
CA GLU A 59 37.60 14.01 10.20
C GLU A 59 36.75 13.00 10.99
N ALA A 60 35.42 13.10 10.85
CA ALA A 60 34.50 12.20 11.56
C ALA A 60 34.67 10.75 11.13
N ALA A 61 34.85 10.51 9.81
CA ALA A 61 35.03 9.15 9.29
C ALA A 61 36.31 8.48 9.80
N VAL A 62 37.43 9.19 9.74
CA VAL A 62 38.71 8.68 10.23
C VAL A 62 38.66 8.46 11.76
N SER A 63 38.03 9.39 12.47
CA SER A 63 37.86 9.24 13.92
C SER A 63 37.08 7.97 14.29
N LEU A 64 36.00 7.70 13.54
CA LEU A 64 35.23 6.47 13.75
C LEU A 64 36.05 5.22 13.45
N ALA A 65 36.75 5.21 12.32
CA ALA A 65 37.58 4.07 11.95
C ALA A 65 38.65 3.82 13.01
N ASP A 66 39.23 4.91 13.54
CA ASP A 66 40.22 4.85 14.62
C ASP A 66 39.65 4.16 15.86
N GLU A 67 38.43 4.54 16.27
CA GLU A 67 37.78 3.92 17.44
C GLU A 67 37.56 2.44 17.21
N LEU A 68 37.06 2.09 16.02
CA LEU A 68 36.77 0.69 15.70
C LEU A 68 38.04 -0.16 15.60
N ASN A 69 39.08 0.39 15.00
CA ASN A 69 40.37 -0.32 14.90
C ASN A 69 41.07 -0.52 16.25
N LYS A 70 40.82 0.39 17.20
CA LYS A 70 41.37 0.26 18.56
C LYS A 70 40.69 -0.91 19.26
N GLU A 71 39.42 -1.12 18.92
CA GLU A 71 38.62 -2.20 19.48
C GLU A 71 39.10 -3.56 18.95
N ARG A 72 39.26 -3.65 17.62
CA ARG A 72 39.82 -4.83 16.95
C ARG A 72 40.64 -4.31 15.77
N SER A 73 41.94 -4.49 15.80
CA SER A 73 42.81 -3.95 14.74
C SER A 73 42.46 -4.48 13.33
N ASN A 74 42.68 -3.63 12.32
CA ASN A 74 42.43 -3.96 10.90
C ASN A 74 40.99 -4.38 10.59
N THR A 75 40.03 -3.76 11.27
CA THR A 75 38.63 -4.08 11.02
C THR A 75 37.79 -2.91 10.48
N ALA A 76 38.40 -1.75 10.26
CA ALA A 76 37.69 -0.61 9.69
C ALA A 76 38.59 0.17 8.73
N VAL A 77 38.06 0.53 7.56
CA VAL A 77 38.70 1.49 6.64
C VAL A 77 37.69 2.56 6.24
N VAL A 78 38.17 3.71 5.77
CA VAL A 78 37.29 4.72 5.19
C VAL A 78 37.39 4.71 3.66
N CYS A 79 36.38 5.26 3.00
CA CYS A 79 36.39 5.39 1.54
C CYS A 79 35.61 6.64 1.18
N GLN A 80 36.27 7.62 0.55
CA GLN A 80 35.63 8.86 0.16
C GLN A 80 34.98 8.71 -1.21
N ALA A 81 33.75 9.20 -1.34
CA ALA A 81 33.11 9.31 -2.65
C ALA A 81 31.92 10.26 -2.65
N ASP A 82 31.83 11.05 -3.72
CA ASP A 82 30.65 11.85 -4.00
C ASP A 82 29.66 10.91 -4.67
N LEU A 83 28.43 10.86 -4.14
CA LEU A 83 27.39 10.01 -4.74
C LEU A 83 26.36 10.78 -5.56
N THR A 84 26.66 12.05 -5.87
CA THR A 84 25.84 12.84 -6.80
C THR A 84 25.88 12.13 -8.15
N ASN A 85 24.76 12.11 -8.87
CA ASN A 85 24.79 11.51 -10.20
C ASN A 85 25.68 12.27 -11.18
N SER A 86 26.42 11.51 -11.99
CA SER A 86 27.27 12.05 -13.05
C SER A 86 27.73 10.88 -13.91
N ASN A 87 28.43 11.17 -15.00
CA ASN A 87 28.95 10.10 -15.81
C ASN A 87 30.05 9.28 -15.14
N VAL A 88 30.63 9.79 -14.04
CA VAL A 88 31.62 9.02 -13.26
C VAL A 88 31.02 8.29 -12.02
N LEU A 89 29.74 8.51 -11.74
CA LEU A 89 29.15 7.82 -10.58
C LEU A 89 29.30 6.28 -10.66
N PRO A 90 29.13 5.65 -11.86
CA PRO A 90 29.35 4.19 -11.86
C PRO A 90 30.75 3.78 -11.40
N ALA A 91 31.77 4.53 -11.82
CA ALA A 91 33.13 4.25 -11.37
C ALA A 91 33.30 4.47 -9.86
N SER A 92 32.72 5.53 -9.31
CA SER A 92 32.80 5.77 -7.87
C SER A 92 32.15 4.64 -7.06
N CYS A 93 31.00 4.17 -7.54
CA CYS A 93 30.30 3.07 -6.86
C CYS A 93 31.07 1.75 -6.97
N GLU A 94 31.63 1.48 -8.15
CA GLU A 94 32.50 0.33 -8.34
C GLU A 94 33.67 0.41 -7.36
N GLU A 95 34.22 1.60 -7.17
CA GLU A 95 35.38 1.79 -6.28
C GLU A 95 35.03 1.56 -4.81
N ILE A 96 33.83 1.98 -4.39
CA ILE A 96 33.42 1.75 -2.99
C ILE A 96 33.39 0.25 -2.72
N ILE A 97 32.79 -0.52 -3.64
CA ILE A 97 32.74 -1.97 -3.46
C ILE A 97 34.14 -2.58 -3.54
N ASN A 98 34.94 -2.11 -4.50
CA ASN A 98 36.32 -2.54 -4.60
C ASN A 98 37.12 -2.30 -3.32
N SER A 99 36.86 -1.18 -2.64
CA SER A 99 37.59 -0.88 -1.41
CA SER A 99 37.57 -0.86 -1.39
C SER A 99 37.33 -1.91 -0.31
N CYS A 100 36.13 -2.49 -0.30
CA CYS A 100 35.81 -3.52 0.68
C CYS A 100 36.59 -4.79 0.37
N PHE A 101 36.60 -5.20 -0.90
CA PHE A 101 37.40 -6.36 -1.31
C PHE A 101 38.91 -6.13 -1.12
N ARG A 102 39.37 -4.90 -1.34
CA ARG A 102 40.79 -4.60 -1.16
CA ARG A 102 40.79 -4.55 -1.15
C ARG A 102 41.21 -4.71 0.31
N ALA A 103 40.40 -4.15 1.20
CA ALA A 103 40.70 -4.16 2.63
C ALA A 103 40.50 -5.54 3.26
N PHE A 104 39.43 -6.23 2.86
CA PHE A 104 38.93 -7.39 3.62
C PHE A 104 38.76 -8.69 2.84
N GLY A 105 38.87 -8.63 1.50
CA GLY A 105 38.85 -9.83 0.65
C GLY A 105 37.45 -10.39 0.37
N ARG A 106 36.43 -9.67 0.81
CA ARG A 106 35.03 -10.09 0.69
C ARG A 106 34.14 -8.89 0.95
N CYS A 107 32.87 -9.00 0.57
CA CYS A 107 31.89 -7.94 0.83
C CYS A 107 30.56 -8.64 0.96
N ASP A 108 30.10 -8.74 2.21
CA ASP A 108 28.93 -9.55 2.53
C ASP A 108 27.67 -8.75 2.60
N VAL A 109 27.80 -7.48 3.04
CA VAL A 109 26.65 -6.61 3.27
C VAL A 109 26.91 -5.22 2.69
N LEU A 110 25.87 -4.67 2.06
CA LEU A 110 25.88 -3.30 1.60
C LEU A 110 24.72 -2.56 2.26
N VAL A 111 24.99 -1.46 2.96
CA VAL A 111 23.92 -0.63 3.53
C VAL A 111 23.91 0.71 2.78
N ASN A 112 22.83 0.96 2.02
CA ASN A 112 22.67 2.22 1.29
C ASN A 112 21.98 3.23 2.22
N ASN A 113 22.78 3.95 2.96
CA ASN A 113 22.34 4.91 3.98
C ASN A 113 22.50 6.35 3.54
N ALA A 114 23.51 6.66 2.73
CA ALA A 114 23.76 8.08 2.36
C ALA A 114 22.54 8.68 1.69
N SER A 115 22.32 9.96 1.96
CA SER A 115 21.17 10.65 1.41
CA SER A 115 21.18 10.65 1.39
C SER A 115 21.32 12.16 1.42
N ALA A 116 20.87 12.80 0.34
CA ALA A 116 20.69 14.25 0.34
C ALA A 116 19.21 14.50 0.68
N PHE A 117 18.96 15.57 1.43
CA PHE A 117 17.62 15.90 1.92
C PHE A 117 17.47 17.42 2.02
N TYR A 118 16.63 17.96 1.16
CA TYR A 118 16.34 19.40 1.15
C TYR A 118 15.15 19.68 0.23
N PRO A 119 14.44 20.79 0.48
CA PRO A 119 13.25 21.07 -0.36
C PRO A 119 13.59 21.49 -1.80
N THR A 120 12.67 21.18 -2.70
CA THR A 120 12.74 21.55 -4.11
C THR A 120 11.34 21.99 -4.52
N PRO A 121 10.95 23.21 -4.13
CA PRO A 121 9.57 23.63 -4.46
C PRO A 121 9.28 23.59 -5.97
N LEU A 122 8.04 23.23 -6.31
CA LEU A 122 7.61 23.20 -7.70
C LEU A 122 7.35 24.59 -8.28
N VAL A 123 6.92 25.51 -7.42
CA VAL A 123 6.59 26.89 -7.83
C VAL A 123 7.51 27.90 -7.15
N GLY A 133 20.61 29.16 -5.06
CA GLY A 133 21.75 28.37 -4.83
C GLY A 133 21.96 27.41 -5.99
N LYS A 134 21.35 26.25 -5.91
CA LYS A 134 21.58 25.17 -6.88
C LYS A 134 20.65 25.22 -8.08
N THR A 135 21.20 24.88 -9.25
CA THR A 135 20.39 24.69 -10.45
C THR A 135 19.49 23.48 -10.25
N VAL A 136 18.42 23.39 -11.02
CA VAL A 136 17.53 22.24 -10.92
C VAL A 136 18.26 20.95 -11.31
N GLU A 137 19.17 21.01 -12.29
CA GLU A 137 19.83 19.77 -12.68
C GLU A 137 20.81 19.30 -11.58
N THR A 138 21.39 20.23 -10.82
CA THR A 138 22.17 19.86 -9.62
C THR A 138 21.28 19.20 -8.56
N GLN A 139 20.10 19.78 -8.32
CA GLN A 139 19.16 19.20 -7.37
C GLN A 139 18.74 17.79 -7.78
N VAL A 140 18.44 17.61 -9.07
CA VAL A 140 18.14 16.27 -9.56
C VAL A 140 19.34 15.33 -9.34
N ALA A 141 20.54 15.78 -9.69
CA ALA A 141 21.72 14.91 -9.59
C ALA A 141 22.00 14.50 -8.13
N GLU A 142 21.82 15.44 -7.21
CA GLU A 142 22.03 15.16 -5.79
C GLU A 142 20.94 14.31 -5.16
N LEU A 143 19.67 14.74 -5.30
CA LEU A 143 18.56 14.06 -4.63
C LEU A 143 18.26 12.73 -5.26
N ILE A 144 18.22 12.64 -6.58
CA ILE A 144 17.99 11.36 -7.25
C ILE A 144 19.26 10.50 -7.30
N GLY A 145 20.41 11.13 -7.47
CA GLY A 145 21.68 10.40 -7.46
C GLY A 145 21.97 9.71 -6.12
N THR A 146 22.00 10.48 -5.05
CA THR A 146 22.33 9.89 -3.73
CA THR A 146 22.36 9.90 -3.76
C THR A 146 21.29 8.89 -3.30
N ASN A 147 20.02 9.23 -3.48
CA ASN A 147 18.94 8.43 -2.92
CA ASN A 147 19.00 8.43 -2.87
C ASN A 147 18.55 7.22 -3.72
N ALA A 148 18.88 7.22 -5.00
CA ALA A 148 18.42 6.14 -5.87
C ALA A 148 19.43 5.62 -6.87
N ILE A 149 20.09 6.50 -7.63
CA ILE A 149 20.97 5.99 -8.66
CA ILE A 149 21.00 6.04 -8.66
C ILE A 149 22.23 5.36 -8.05
N ALA A 150 22.82 6.01 -7.05
CA ALA A 150 23.99 5.44 -6.37
C ALA A 150 23.64 4.06 -5.75
N PRO A 151 22.50 3.97 -5.00
CA PRO A 151 22.12 2.63 -4.50
C PRO A 151 22.01 1.60 -5.64
N PHE A 152 21.45 1.99 -6.79
CA PHE A 152 21.36 1.09 -7.93
C PHE A 152 22.73 0.63 -8.42
N LEU A 153 23.65 1.58 -8.62
CA LEU A 153 24.99 1.25 -9.13
C LEU A 153 25.79 0.44 -8.11
N LEU A 154 25.67 0.80 -6.82
CA LEU A 154 26.31 0.01 -5.75
C LEU A 154 25.77 -1.42 -5.72
N THR A 155 24.45 -1.56 -5.92
CA THR A 155 23.84 -2.89 -6.01
C THR A 155 24.41 -3.70 -7.17
N MET A 156 24.52 -3.08 -8.35
CA MET A 156 25.13 -3.72 -9.51
C MET A 156 26.55 -4.19 -9.20
N SER A 157 27.37 -3.29 -8.65
CA SER A 157 28.77 -3.61 -8.35
C SER A 157 28.90 -4.69 -7.26
N PHE A 158 28.04 -4.62 -6.24
CA PHE A 158 28.05 -5.60 -5.15
C PHE A 158 27.75 -6.96 -5.73
N ALA A 159 26.70 -7.04 -6.56
CA ALA A 159 26.29 -8.32 -7.15
C ALA A 159 27.34 -8.86 -8.11
N GLN A 160 27.92 -7.98 -8.92
CA GLN A 160 28.85 -8.43 -9.95
C GLN A 160 30.18 -8.94 -9.37
N ARG A 161 30.55 -8.40 -8.22
CA ARG A 161 31.79 -8.81 -7.53
C ARG A 161 31.71 -10.13 -6.76
N GLN A 162 30.51 -10.70 -6.59
CA GLN A 162 30.36 -11.96 -5.84
C GLN A 162 30.83 -13.19 -6.63
N SER A 172 27.62 -18.46 3.85
CA SER A 172 27.54 -17.04 3.52
C SER A 172 26.11 -16.49 3.64
N ASN A 173 26.03 -15.23 4.02
CA ASN A 173 24.75 -14.57 4.21
C ASN A 173 24.84 -13.17 3.61
N LEU A 174 24.65 -13.11 2.31
CA LEU A 174 24.79 -11.84 1.55
C LEU A 174 23.49 -11.06 1.53
N SER A 175 23.56 -9.77 1.85
CA SER A 175 22.35 -8.95 1.73
C SER A 175 22.65 -7.47 1.59
N ILE A 176 21.64 -6.74 1.15
CA ILE A 176 21.66 -5.32 0.97
C ILE A 176 20.51 -4.76 1.78
N VAL A 177 20.76 -3.65 2.48
CA VAL A 177 19.70 -2.95 3.20
C VAL A 177 19.69 -1.51 2.74
N ASN A 178 18.52 -1.06 2.26
CA ASN A 178 18.32 0.31 1.79
C ASN A 178 17.59 1.14 2.84
N LEU A 179 18.10 2.32 3.16
CA LEU A 179 17.44 3.23 4.10
C LEU A 179 16.37 4.01 3.34
N CYS A 180 15.12 3.61 3.60
CA CYS A 180 13.94 4.12 2.94
C CYS A 180 13.31 5.23 3.77
N ASP A 181 12.01 5.44 3.67
CA ASP A 181 11.37 6.54 4.40
C ASP A 181 9.93 6.10 4.66
N ALA A 182 9.53 6.02 5.93
CA ALA A 182 8.18 5.53 6.25
C ALA A 182 7.09 6.50 5.79
N MET A 183 7.45 7.74 5.52
CA MET A 183 6.47 8.75 5.17
C MET A 183 6.42 9.01 3.66
N VAL A 184 6.93 8.07 2.85
CA VAL A 184 6.95 8.29 1.38
C VAL A 184 5.59 8.55 0.76
N ASP A 185 4.52 8.04 1.37
CA ASP A 185 3.17 8.27 0.85
C ASP A 185 2.44 9.43 1.49
N GLN A 186 3.09 10.10 2.45
CA GLN A 186 2.55 11.29 3.13
C GLN A 186 3.70 12.30 3.21
N PRO A 187 4.17 12.76 2.05
CA PRO A 187 5.45 13.48 2.00
C PRO A 187 5.41 14.90 2.58
N CSX A 188 6.58 15.43 2.95
CA CSX A 188 6.65 16.81 3.40
CB CSX A 188 8.00 17.14 4.03
SG CSX A 188 8.09 16.44 5.59
C CSX A 188 6.41 17.69 2.20
O CSX A 188 6.87 17.38 1.09
OD CSX A 188 9.47 15.89 5.67
N MET A 189 5.69 18.79 2.43
CA MET A 189 5.40 19.80 1.43
C MET A 189 6.70 20.32 0.80
N ALA A 190 6.72 20.39 -0.53
CA ALA A 190 7.85 20.96 -1.30
C ALA A 190 9.12 20.09 -1.34
N PHE A 191 8.99 18.81 -1.01
CA PHE A 191 10.10 17.88 -1.13
C PHE A 191 9.93 16.87 -2.28
N SER A 192 9.44 17.29 -3.45
CA SER A 192 9.13 16.32 -4.50
CA SER A 192 9.16 16.36 -4.57
C SER A 192 10.33 15.49 -4.95
N LEU A 193 11.49 16.12 -5.19
CA LEU A 193 12.64 15.35 -5.66
C LEU A 193 13.15 14.34 -4.65
N TYR A 194 13.24 14.76 -3.38
CA TYR A 194 13.58 13.85 -2.29
C TYR A 194 12.58 12.67 -2.29
N ASN A 195 11.30 12.97 -2.37
CA ASN A 195 10.28 11.93 -2.31
C ASN A 195 10.34 10.98 -3.52
N MET A 196 10.61 11.55 -4.70
CA MET A 196 10.77 10.75 -5.90
C MET A 196 11.94 9.77 -5.72
N GLY A 197 13.03 10.27 -5.17
CA GLY A 197 14.21 9.44 -4.97
C GLY A 197 13.94 8.30 -4.00
N LYS A 198 13.25 8.59 -2.89
CA LYS A 198 12.92 7.53 -1.95
C LYS A 198 11.91 6.53 -2.52
N HIS A 199 10.95 7.01 -3.32
CA HIS A 199 10.07 6.07 -4.03
C HIS A 199 10.86 5.18 -4.95
N ALA A 200 11.80 5.78 -5.69
CA ALA A 200 12.63 4.97 -6.59
C ALA A 200 13.42 3.92 -5.81
N LEU A 201 13.85 4.27 -4.59
CA LEU A 201 14.59 3.34 -3.72
C LEU A 201 13.72 2.16 -3.30
N VAL A 202 12.41 2.40 -3.09
CA VAL A 202 11.49 1.27 -2.84
C VAL A 202 11.45 0.36 -4.08
N GLY A 203 11.34 0.98 -5.26
CA GLY A 203 11.36 0.19 -6.50
C GLY A 203 12.64 -0.62 -6.66
N LEU A 204 13.79 0.00 -6.37
CA LEU A 204 15.05 -0.76 -6.43
C LEU A 204 15.04 -1.92 -5.44
N THR A 205 14.56 -1.66 -4.24
CA THR A 205 14.54 -2.72 -3.21
C THR A 205 13.78 -3.94 -3.73
N GLN A 206 12.60 -3.70 -4.33
CA GLN A 206 11.76 -4.78 -4.81
C GLN A 206 12.34 -5.45 -6.06
N SER A 207 12.75 -4.65 -7.05
CA SER A 207 13.33 -5.18 -8.27
C SER A 207 14.61 -5.98 -8.01
N ALA A 208 15.48 -5.45 -7.16
CA ALA A 208 16.76 -6.13 -6.84
C ALA A 208 16.52 -7.39 -5.99
N ALA A 209 15.51 -7.35 -5.10
CA ALA A 209 15.17 -8.56 -4.35
C ALA A 209 14.79 -9.69 -5.32
N LEU A 210 13.91 -9.35 -6.27
CA LEU A 210 13.47 -10.31 -7.27
C LEU A 210 14.64 -10.87 -8.06
N GLU A 211 15.47 -9.97 -8.59
CA GLU A 211 16.52 -10.36 -9.54
C GLU A 211 17.72 -11.05 -8.88
N LEU A 212 18.05 -10.65 -7.65
CA LEU A 212 19.23 -11.18 -6.97
C LEU A 212 18.95 -12.39 -6.10
N ALA A 213 17.66 -12.69 -5.88
CA ALA A 213 17.30 -13.88 -5.10
C ALA A 213 17.98 -15.18 -5.59
N PRO A 214 18.00 -15.46 -6.92
CA PRO A 214 18.73 -16.65 -7.39
C PRO A 214 20.22 -16.70 -6.97
N TYR A 215 20.82 -15.53 -6.71
CA TYR A 215 22.23 -15.47 -6.31
C TYR A 215 22.38 -15.54 -4.79
N GLY A 216 21.25 -15.67 -4.09
CA GLY A 216 21.25 -15.75 -2.63
C GLY A 216 21.50 -14.42 -1.96
N ILE A 217 21.33 -13.34 -2.70
CA ILE A 217 21.48 -12.00 -2.13
C ILE A 217 20.10 -11.48 -1.79
N ARG A 218 19.87 -11.23 -0.51
CA ARG A 218 18.59 -10.67 -0.05
C ARG A 218 18.67 -9.14 -0.13
N VAL A 219 17.55 -8.49 -0.40
CA VAL A 219 17.54 -7.04 -0.50
C VAL A 219 16.32 -6.53 0.24
N ASN A 220 16.52 -5.73 1.27
CA ASN A 220 15.45 -5.27 2.16
C ASN A 220 15.63 -3.82 2.47
N GLY A 221 14.64 -3.23 3.14
CA GLY A 221 14.73 -1.84 3.53
C GLY A 221 14.34 -1.59 4.97
N VAL A 222 14.86 -0.50 5.53
CA VAL A 222 14.47 0.01 6.83
C VAL A 222 13.97 1.42 6.61
N ALA A 223 12.75 1.70 7.09
CA ALA A 223 12.09 2.96 6.78
C ALA A 223 11.84 3.77 8.05
N PRO A 224 12.75 4.71 8.40
CA PRO A 224 12.50 5.57 9.56
C PRO A 224 11.35 6.52 9.31
N GLY A 225 10.71 6.98 10.38
CA GLY A 225 9.70 8.06 10.29
C GLY A 225 10.45 9.33 10.62
N VAL A 226 10.38 9.74 11.88
CA VAL A 226 11.30 10.77 12.36
CA VAL A 226 11.30 10.77 12.36
C VAL A 226 12.37 10.12 13.24
N SER A 227 13.63 10.30 12.87
CA SER A 227 14.71 9.82 13.71
C SER A 227 15.51 11.07 14.03
N LEU A 228 16.83 11.01 13.91
CA LEU A 228 17.66 12.17 14.26
C LEU A 228 17.25 13.36 13.40
N LEU A 229 16.81 14.42 14.06
CA LEU A 229 16.34 15.61 13.37
C LEU A 229 17.55 16.37 12.80
N PRO A 230 17.31 17.20 11.75
CA PRO A 230 18.38 18.03 11.18
C PRO A 230 19.05 18.86 12.27
N VAL A 231 20.37 18.94 12.21
CA VAL A 231 21.12 19.68 13.22
C VAL A 231 20.70 21.15 13.28
N ALA A 232 20.37 21.72 12.12
CA ALA A 232 20.02 23.14 12.03
C ALA A 232 18.57 23.44 12.44
N MET A 233 17.81 22.40 12.80
CA MET A 233 16.43 22.59 13.19
C MET A 233 16.33 23.05 14.64
N GLY A 234 15.50 24.08 14.87
CA GLY A 234 15.30 24.62 16.21
C GLY A 234 14.54 23.65 17.07
N GLU A 235 14.73 23.75 18.38
CA GLU A 235 14.14 22.79 19.32
C GLU A 235 12.61 22.82 19.31
N GLU A 236 12.03 24.01 19.16
CA GLU A 236 10.57 24.16 19.13
C GLU A 236 9.97 23.39 17.95
N GLU A 237 10.64 23.48 16.80
CA GLU A 237 10.25 22.75 15.60
C GLU A 237 10.46 21.23 15.79
N LYS A 238 11.60 20.82 16.36
CA LYS A 238 11.80 19.41 16.69
C LYS A 238 10.66 18.85 17.55
N ASP A 239 10.26 19.62 18.58
CA ASP A 239 9.19 19.19 19.48
C ASP A 239 7.83 19.03 18.80
N LYS A 240 7.55 19.92 17.85
CA LYS A 240 6.34 19.82 17.02
CA LYS A 240 6.34 19.81 17.03
C LYS A 240 6.26 18.43 16.38
N TRP A 241 7.39 17.95 15.87
CA TRP A 241 7.43 16.65 15.22
C TRP A 241 7.40 15.51 16.24
N ARG A 242 8.16 15.65 17.31
CA ARG A 242 8.12 14.66 18.39
C ARG A 242 6.71 14.36 18.87
N ARG A 243 5.92 15.41 19.07
CA ARG A 243 4.57 15.28 19.61
C ARG A 243 3.61 14.50 18.71
N LYS A 244 3.96 14.35 17.44
CA LYS A 244 3.14 13.60 16.48
C LYS A 244 3.28 12.09 16.63
N VAL A 245 4.37 11.63 17.25
CA VAL A 245 4.70 10.20 17.25
C VAL A 245 3.94 9.47 18.36
N PRO A 246 3.06 8.52 17.98
CA PRO A 246 2.23 7.85 19.00
C PRO A 246 3.06 7.13 20.07
N LEU A 247 4.08 6.39 19.65
CA LEU A 247 4.87 5.57 20.57
C LEU A 247 5.98 6.40 21.25
N GLY A 248 5.62 7.05 22.36
CA GLY A 248 6.59 7.81 23.15
C GLY A 248 6.77 9.29 22.85
N ARG A 249 6.09 9.81 21.82
CA ARG A 249 6.20 11.25 21.49
C ARG A 249 7.65 11.67 21.39
N ARG A 250 8.45 10.85 20.70
CA ARG A 250 9.88 11.10 20.54
C ARG A 250 10.33 10.47 19.25
N GLU A 251 11.43 11.01 18.71
CA GLU A 251 12.05 10.47 17.51
C GLU A 251 12.78 9.16 17.79
N ALA A 252 12.99 8.37 16.74
CA ALA A 252 13.83 7.17 16.86
C ALA A 252 15.27 7.56 17.17
N SER A 253 15.90 6.80 18.07
CA SER A 253 17.35 6.93 18.24
C SER A 253 18.03 6.30 17.04
N ALA A 254 19.29 6.69 16.78
CA ALA A 254 20.06 6.08 15.70
C ALA A 254 20.20 4.58 15.96
N GLU A 255 20.37 4.19 17.24
CA GLU A 255 20.49 2.78 17.59
C GLU A 255 19.24 1.98 17.23
N GLN A 256 18.07 2.57 17.44
CA GLN A 256 16.81 1.90 17.09
C GLN A 256 16.72 1.60 15.59
N ILE A 257 17.15 2.56 14.75
CA ILE A 257 17.19 2.29 13.32
C ILE A 257 18.21 1.19 13.01
N ALA A 258 19.40 1.31 13.59
CA ALA A 258 20.46 0.31 13.36
C ALA A 258 20.02 -1.12 13.79
N ASP A 259 19.21 -1.21 14.85
CA ASP A 259 18.73 -2.51 15.31
C ASP A 259 17.95 -3.23 14.20
N ALA A 260 17.15 -2.49 13.43
CA ALA A 260 16.39 -3.14 12.37
C ALA A 260 17.30 -3.56 11.22
N VAL A 261 18.33 -2.76 10.94
CA VAL A 261 19.31 -3.14 9.93
C VAL A 261 20.02 -4.45 10.35
N ILE A 262 20.45 -4.51 11.62
CA ILE A 262 21.13 -5.71 12.20
C ILE A 262 20.24 -6.96 12.07
N PHE A 263 18.95 -6.81 12.35
CA PHE A 263 18.06 -7.94 12.15
C PHE A 263 18.04 -8.42 10.70
N LEU A 264 17.86 -7.49 9.75
CA LEU A 264 17.73 -7.86 8.35
C LEU A 264 19.00 -8.51 7.78
N VAL A 265 20.17 -8.15 8.30
CA VAL A 265 21.39 -8.81 7.80
C VAL A 265 21.67 -10.13 8.51
N SER A 266 20.97 -10.37 9.63
CA SER A 266 21.23 -11.55 10.46
C SER A 266 20.67 -12.85 9.90
N GLY A 267 21.09 -13.96 10.50
CA GLY A 267 20.53 -15.27 10.16
C GLY A 267 19.04 -15.40 10.52
N SER A 268 18.55 -14.53 11.37
CA SER A 268 17.14 -14.56 11.76
C SER A 268 16.23 -13.96 10.69
N ALA A 269 16.82 -13.48 9.58
CA ALA A 269 16.06 -12.91 8.46
C ALA A 269 16.35 -13.64 7.13
N GLN A 270 16.86 -14.86 7.23
CA GLN A 270 17.30 -15.63 6.07
C GLN A 270 16.24 -15.87 4.99
N TYR A 271 14.96 -15.78 5.31
CA TYR A 271 13.91 -15.96 4.29
C TYR A 271 13.27 -14.62 3.88
N ILE A 272 13.76 -13.52 4.45
CA ILE A 272 13.17 -12.19 4.23
C ILE A 272 13.91 -11.49 3.08
N THR A 273 13.18 -11.23 2.00
CA THR A 273 13.73 -10.41 0.91
C THR A 273 12.61 -9.61 0.28
N GLY A 274 12.93 -8.37 -0.11
CA GLY A 274 11.91 -7.46 -0.64
C GLY A 274 11.02 -6.82 0.41
N SER A 275 11.39 -6.95 1.68
CA SER A 275 10.61 -6.36 2.76
C SER A 275 11.17 -5.02 3.23
N ILE A 276 10.26 -4.09 3.53
CA ILE A 276 10.65 -2.82 4.10
C ILE A 276 10.03 -2.68 5.47
N ILE A 277 10.89 -2.66 6.49
CA ILE A 277 10.45 -2.56 7.89
C ILE A 277 10.37 -1.10 8.31
N LYS A 278 9.15 -0.62 8.59
CA LYS A 278 9.01 0.72 9.19
C LYS A 278 9.53 0.70 10.60
N VAL A 279 10.31 1.71 10.94
CA VAL A 279 10.75 1.95 12.31
C VAL A 279 10.36 3.37 12.65
N ASP A 280 9.06 3.56 12.92
CA ASP A 280 8.50 4.90 12.93
C ASP A 280 7.62 5.24 14.13
N GLY A 281 7.52 4.33 15.10
CA GLY A 281 6.77 4.66 16.32
C GLY A 281 5.28 4.89 16.02
N GLY A 282 4.81 4.40 14.87
CA GLY A 282 3.41 4.62 14.48
C GLY A 282 3.12 5.90 13.72
N LEU A 283 4.16 6.70 13.42
CA LEU A 283 3.95 8.02 12.80
C LEU A 283 3.14 7.97 11.51
N SER A 284 3.45 6.99 10.66
CA SER A 284 2.80 6.87 9.34
C SER A 284 1.32 6.50 9.44
N LEU A 285 0.86 6.10 10.63
CA LEU A 285 -0.55 5.74 10.81
C LEU A 285 -1.41 6.91 11.24
N VAL A 286 -0.78 8.05 11.53
CA VAL A 286 -1.49 9.19 12.13
C VAL A 286 -2.09 10.06 11.02
N HIS A 287 -3.42 10.22 11.02
CA HIS A 287 -4.05 11.11 10.03
C HIS A 287 -3.74 12.60 10.29
N ALA A 288 -3.98 13.42 9.26
CA ALA A 288 -3.84 14.88 9.34
C ALA A 288 -4.60 15.48 10.52
N GLU B 22 8.87 -12.30 37.29
CA GLU B 22 10.30 -12.13 36.86
C GLU B 22 10.50 -12.42 35.36
N ALA B 23 10.26 -13.66 34.94
CA ALA B 23 10.26 -14.01 33.51
C ALA B 23 8.96 -13.51 32.88
N PRO B 24 9.03 -12.91 31.68
CA PRO B 24 7.79 -12.44 31.05
C PRO B 24 6.92 -13.62 30.59
N ALA B 25 5.67 -13.34 30.22
CA ALA B 25 4.74 -14.39 29.78
C ALA B 25 4.06 -14.01 28.48
N ALA B 26 3.76 -15.02 27.68
CA ALA B 26 3.14 -14.86 26.36
C ALA B 26 2.00 -15.83 26.14
N VAL B 27 0.96 -15.34 25.48
CA VAL B 27 -0.10 -16.19 24.96
C VAL B 27 0.14 -16.38 23.47
N VAL B 28 0.10 -17.64 23.00
CA VAL B 28 0.18 -17.93 21.56
C VAL B 28 -1.08 -18.71 21.17
N THR B 29 -1.89 -18.15 20.28
CA THR B 29 -3.10 -18.90 19.89
C THR B 29 -2.77 -19.93 18.81
N GLY B 30 -3.50 -21.04 18.79
CA GLY B 30 -3.27 -22.10 17.82
C GLY B 30 -1.82 -22.61 17.90
N ALA B 31 -1.35 -22.84 19.13
CA ALA B 31 0.08 -23.09 19.38
C ALA B 31 0.48 -24.58 19.39
N ALA B 32 -0.46 -25.49 19.18
CA ALA B 32 -0.18 -26.94 19.29
C ALA B 32 0.73 -27.47 18.20
N LYS B 33 0.65 -26.86 17.01
CA LYS B 33 1.31 -27.43 15.83
C LYS B 33 1.86 -26.33 14.93
N ARG B 34 2.73 -26.73 14.01
CA ARG B 34 3.12 -25.91 12.87
C ARG B 34 3.67 -24.55 13.31
N ILE B 35 3.18 -23.46 12.74
CA ILE B 35 3.79 -22.16 13.04
C ILE B 35 3.62 -21.74 14.49
N GLY B 36 2.41 -21.89 15.03
CA GLY B 36 2.20 -21.49 16.42
C GLY B 36 3.10 -22.27 17.39
N ARG B 37 3.29 -23.56 17.10
CA ARG B 37 4.20 -24.38 17.92
C ARG B 37 5.61 -23.81 17.89
N ALA B 38 6.09 -23.45 16.68
CA ALA B 38 7.46 -22.96 16.56
C ALA B 38 7.59 -21.62 17.29
N ILE B 39 6.56 -20.78 17.22
CA ILE B 39 6.56 -19.52 17.95
C ILE B 39 6.61 -19.74 19.45
N ALA B 40 5.77 -20.65 19.97
CA ALA B 40 5.79 -20.96 21.40
C ALA B 40 7.16 -21.47 21.85
N VAL B 41 7.74 -22.39 21.08
CA VAL B 41 9.10 -22.92 21.37
C VAL B 41 10.14 -21.78 21.42
N LYS B 42 10.18 -20.93 20.38
CA LYS B 42 11.16 -19.84 20.36
C LYS B 42 10.98 -18.84 21.46
N LEU B 43 9.72 -18.49 21.76
CA LEU B 43 9.48 -17.61 22.89
C LEU B 43 10.00 -18.25 24.19
N HIS B 44 9.71 -19.54 24.36
CA HIS B 44 10.12 -20.24 25.58
C HIS B 44 11.66 -20.25 25.65
N GLN B 45 12.31 -20.51 24.53
CA GLN B 45 13.78 -20.52 24.48
C GLN B 45 14.40 -19.17 24.82
N THR B 46 13.65 -18.10 24.56
CA THR B 46 14.05 -16.72 24.79
C THR B 46 13.85 -16.35 26.25
N GLY B 47 13.13 -17.20 26.98
CA GLY B 47 12.88 -16.99 28.40
C GLY B 47 11.44 -16.69 28.81
N TYR B 48 10.48 -16.78 27.87
CA TYR B 48 9.10 -16.52 28.20
C TYR B 48 8.46 -17.76 28.82
N ARG B 49 7.55 -17.53 29.75
CA ARG B 49 6.57 -18.56 30.12
C ARG B 49 5.44 -18.43 29.09
N VAL B 50 4.80 -19.56 28.73
CA VAL B 50 3.84 -19.56 27.61
C VAL B 50 2.52 -20.24 27.92
N VAL B 51 1.43 -19.59 27.48
CA VAL B 51 0.11 -20.24 27.38
C VAL B 51 -0.04 -20.75 25.94
N ILE B 52 -0.21 -22.06 25.82
CA ILE B 52 -0.37 -22.76 24.56
C ILE B 52 -1.88 -22.91 24.36
N HIS B 53 -2.47 -22.02 23.57
CA HIS B 53 -3.88 -22.14 23.28
C HIS B 53 -4.09 -23.20 22.20
N TYR B 54 -5.17 -23.97 22.30
CA TYR B 54 -5.52 -24.94 21.25
C TYR B 54 -7.04 -25.02 21.15
N HIS B 55 -7.52 -25.61 20.07
CA HIS B 55 -8.95 -25.82 19.90
C HIS B 55 -9.22 -27.31 19.92
N ASN B 56 -8.79 -28.02 18.88
CA ASN B 56 -9.00 -29.46 18.78
C ASN B 56 -7.78 -30.29 19.11
N SER B 57 -6.59 -29.67 19.05
CA SER B 57 -5.37 -30.48 19.09
C SER B 57 -4.86 -30.65 20.53
N ALA B 58 -5.65 -31.29 21.40
CA ALA B 58 -5.30 -31.37 22.83
C ALA B 58 -4.02 -32.16 23.08
N GLU B 59 -3.91 -33.33 22.44
CA GLU B 59 -2.73 -34.17 22.65
C GLU B 59 -1.44 -33.43 22.26
N ALA B 60 -1.45 -32.79 21.09
CA ALA B 60 -0.28 -32.04 20.65
C ALA B 60 0.03 -30.84 21.58
N ALA B 61 -1.01 -30.14 22.05
CA ALA B 61 -0.80 -29.01 22.97
C ALA B 61 -0.14 -29.45 24.27
N VAL B 62 -0.70 -30.53 24.84
CA VAL B 62 -0.19 -31.11 26.07
C VAL B 62 1.24 -31.66 25.89
N SER B 63 1.50 -32.35 24.78
CA SER B 63 2.86 -32.83 24.53
CA SER B 63 2.86 -32.82 24.48
C SER B 63 3.86 -31.67 24.47
N LEU B 64 3.47 -30.57 23.84
CA LEU B 64 4.36 -29.39 23.80
C LEU B 64 4.57 -28.82 25.20
N ALA B 65 3.48 -28.63 25.96
CA ALA B 65 3.60 -28.11 27.33
C ALA B 65 4.53 -28.99 28.18
N ASP B 66 4.38 -30.31 28.05
CA ASP B 66 5.20 -31.21 28.84
C ASP B 66 6.68 -31.07 28.48
N GLU B 67 6.97 -30.93 27.17
CA GLU B 67 8.37 -30.80 26.72
C GLU B 67 8.97 -29.50 27.27
N LEU B 68 8.20 -28.41 27.21
CA LEU B 68 8.66 -27.12 27.72
C LEU B 68 8.85 -27.11 29.24
N ASN B 69 7.94 -27.76 29.97
CA ASN B 69 8.07 -27.86 31.42
C ASN B 69 9.22 -28.76 31.88
N LYS B 70 9.59 -29.73 31.03
CA LYS B 70 10.77 -30.56 31.27
C LYS B 70 12.02 -29.69 31.17
N GLU B 71 12.02 -28.75 30.23
CA GLU B 71 13.14 -27.81 30.12
C GLU B 71 13.19 -26.85 31.31
N ARG B 72 12.06 -26.26 31.67
CA ARG B 72 11.96 -25.41 32.87
C ARG B 72 10.60 -25.61 33.54
N SER B 73 10.61 -26.07 34.78
CA SER B 73 9.36 -26.38 35.48
C SER B 73 8.44 -25.19 35.60
N ASN B 74 7.14 -25.44 35.40
CA ASN B 74 6.10 -24.44 35.63
C ASN B 74 6.22 -23.23 34.69
N THR B 75 6.59 -23.48 33.45
CA THR B 75 6.73 -22.37 32.50
C THR B 75 5.79 -22.50 31.28
N ALA B 76 4.94 -23.55 31.26
CA ALA B 76 4.00 -23.72 30.13
C ALA B 76 2.69 -24.25 30.65
N VAL B 77 1.59 -23.68 30.18
CA VAL B 77 0.25 -24.24 30.43
C VAL B 77 -0.49 -24.31 29.10
N VAL B 78 -1.54 -25.13 29.03
CA VAL B 78 -2.43 -25.15 27.88
C VAL B 78 -3.77 -24.50 28.21
N CYS B 79 -4.45 -24.01 27.17
CA CYS B 79 -5.75 -23.37 27.35
C CYS B 79 -6.60 -23.69 26.15
N GLN B 80 -7.71 -24.40 26.36
CA GLN B 80 -8.61 -24.76 25.24
C GLN B 80 -9.65 -23.68 24.98
N ALA B 81 -9.84 -23.34 23.71
CA ALA B 81 -10.95 -22.47 23.32
C ALA B 81 -11.25 -22.51 21.83
N ASP B 82 -12.53 -22.49 21.50
CA ASP B 82 -12.98 -22.31 20.12
C ASP B 82 -12.96 -20.79 19.85
N LEU B 83 -12.34 -20.38 18.74
CA LEU B 83 -12.25 -18.95 18.41
C LEU B 83 -13.20 -18.55 17.26
N THR B 84 -14.09 -19.45 16.90
CA THR B 84 -15.21 -19.14 16.01
C THR B 84 -16.05 -17.98 16.59
N ASN B 85 -16.46 -17.04 15.74
CA ASN B 85 -17.34 -15.96 16.22
C ASN B 85 -18.68 -16.52 16.76
N SER B 86 -19.08 -16.00 17.92
CA SER B 86 -20.34 -16.35 18.56
C SER B 86 -20.60 -15.40 19.71
N ASN B 87 -21.78 -15.53 20.31
CA ASN B 87 -22.11 -14.75 21.50
C ASN B 87 -21.15 -14.97 22.68
N VAL B 88 -20.49 -16.13 22.72
CA VAL B 88 -19.57 -16.46 23.83
C VAL B 88 -18.11 -16.16 23.52
N LEU B 89 -17.80 -15.80 22.26
CA LEU B 89 -16.40 -15.52 21.91
C LEU B 89 -15.71 -14.47 22.81
N PRO B 90 -16.40 -13.35 23.13
CA PRO B 90 -15.74 -12.37 24.01
C PRO B 90 -15.33 -12.96 25.36
N ALA B 91 -16.20 -13.75 25.98
CA ALA B 91 -15.87 -14.40 27.24
C ALA B 91 -14.71 -15.38 27.09
N SER B 92 -14.70 -16.14 25.99
CA SER B 92 -13.60 -17.08 25.70
C SER B 92 -12.26 -16.36 25.57
N CYS B 93 -12.27 -15.22 24.90
CA CYS B 93 -11.04 -14.47 24.68
C CYS B 93 -10.56 -13.84 25.99
N GLU B 94 -11.50 -13.34 26.80
CA GLU B 94 -11.17 -12.86 28.15
C GLU B 94 -10.54 -13.97 29.00
N GLU B 95 -11.08 -15.18 28.90
CA GLU B 95 -10.58 -16.33 29.64
C GLU B 95 -9.16 -16.74 29.19
N ILE B 96 -8.87 -16.66 27.89
CA ILE B 96 -7.51 -16.96 27.42
C ILE B 96 -6.49 -16.02 28.05
N ILE B 97 -6.78 -14.72 28.02
CA ILE B 97 -5.90 -13.72 28.64
C ILE B 97 -5.82 -13.94 30.16
N ASN B 98 -6.99 -14.14 30.79
CA ASN B 98 -7.02 -14.47 32.21
C ASN B 98 -6.15 -15.66 32.60
N SER B 99 -6.11 -16.69 31.74
CA SER B 99 -5.35 -17.92 32.01
C SER B 99 -3.87 -17.61 32.14
N CYS B 100 -3.38 -16.65 31.35
CA CYS B 100 -1.99 -16.23 31.43
C CYS B 100 -1.72 -15.53 32.76
N PHE B 101 -2.60 -14.62 33.18
CA PHE B 101 -2.45 -13.98 34.50
C PHE B 101 -2.56 -14.97 35.68
N ARG B 102 -3.47 -15.94 35.58
CA ARG B 102 -3.62 -16.91 36.68
C ARG B 102 -2.39 -17.81 36.80
N ALA B 103 -1.83 -18.20 35.66
CA ALA B 103 -0.65 -19.07 35.66
C ALA B 103 0.63 -18.36 36.04
N PHE B 104 0.81 -17.13 35.52
CA PHE B 104 2.13 -16.49 35.55
C PHE B 104 2.15 -15.10 36.18
N GLY B 105 0.98 -14.54 36.48
CA GLY B 105 0.87 -13.25 37.18
C GLY B 105 1.07 -12.02 36.31
N ARG B 106 1.15 -12.24 35.00
CA ARG B 106 1.44 -11.18 34.03
C ARG B 106 1.15 -11.71 32.62
N CYS B 107 1.01 -10.79 31.65
CA CYS B 107 0.88 -11.20 30.25
C CYS B 107 1.53 -10.10 29.45
N ASP B 108 2.73 -10.37 28.95
CA ASP B 108 3.56 -9.38 28.24
C ASP B 108 3.37 -9.38 26.74
N VAL B 109 3.06 -10.54 26.18
CA VAL B 109 3.02 -10.74 24.73
C VAL B 109 1.79 -11.55 24.35
N LEU B 110 1.11 -11.10 23.30
CA LEU B 110 0.00 -11.85 22.68
C LEU B 110 0.37 -12.09 21.24
N VAL B 111 0.35 -13.34 20.81
CA VAL B 111 0.55 -13.71 19.40
C VAL B 111 -0.74 -14.30 18.85
N ASN B 112 -1.38 -13.54 17.95
CA ASN B 112 -2.59 -13.99 17.26
C ASN B 112 -2.22 -14.81 16.03
N ASN B 113 -2.07 -16.13 16.24
CA ASN B 113 -1.62 -17.04 15.23
C ASN B 113 -2.71 -17.96 14.68
N ALA B 114 -3.70 -18.31 15.52
CA ALA B 114 -4.71 -19.29 15.08
C ALA B 114 -5.43 -18.78 13.83
N SER B 115 -5.76 -19.70 12.95
CA SER B 115 -6.44 -19.33 11.71
CA SER B 115 -6.47 -19.32 11.73
C SER B 115 -7.22 -20.49 11.11
N ALA B 116 -8.41 -20.18 10.58
CA ALA B 116 -9.11 -21.10 9.70
C ALA B 116 -8.74 -20.70 8.26
N PHE B 117 -8.63 -21.69 7.39
CA PHE B 117 -8.17 -21.46 6.03
C PHE B 117 -8.80 -22.49 5.15
N TYR B 118 -9.73 -22.05 4.31
CA TYR B 118 -10.36 -22.91 3.32
C TYR B 118 -11.13 -22.04 2.33
N PRO B 119 -11.40 -22.55 1.12
CA PRO B 119 -12.09 -21.77 0.10
C PRO B 119 -13.58 -21.54 0.41
N THR B 120 -14.06 -20.38 -0.01
CA THR B 120 -15.48 -20.01 0.12
C THR B 120 -15.93 -19.38 -1.22
N PRO B 121 -16.19 -20.22 -2.24
CA PRO B 121 -16.52 -19.67 -3.56
C PRO B 121 -17.76 -18.78 -3.55
N LEU B 122 -17.73 -17.75 -4.39
CA LEU B 122 -18.87 -16.83 -4.50
C LEU B 122 -20.04 -17.41 -5.26
N VAL B 123 -19.74 -18.28 -6.25
CA VAL B 123 -20.77 -18.89 -7.13
C VAL B 123 -20.60 -20.40 -7.28
N LYS B 134 -20.82 -26.80 5.37
CA LYS B 134 -21.03 -25.69 6.29
C LYS B 134 -21.90 -24.63 5.65
N THR B 135 -22.80 -24.04 6.45
CA THR B 135 -23.57 -22.91 5.99
C THR B 135 -22.63 -21.73 5.77
N VAL B 136 -23.05 -20.80 4.93
CA VAL B 136 -22.27 -19.56 4.74
C VAL B 136 -22.06 -18.82 6.07
N GLU B 137 -23.05 -18.77 6.95
CA GLU B 137 -22.82 -18.04 8.21
C GLU B 137 -21.84 -18.76 9.14
N THR B 138 -21.77 -20.10 9.06
CA THR B 138 -20.69 -20.84 9.74
C THR B 138 -19.32 -20.48 9.17
N GLN B 139 -19.24 -20.38 7.86
CA GLN B 139 -17.98 -19.99 7.20
CA GLN B 139 -17.99 -19.99 7.16
C GLN B 139 -17.54 -18.60 7.61
N VAL B 140 -18.49 -17.68 7.68
CA VAL B 140 -18.24 -16.32 8.16
C VAL B 140 -17.72 -16.38 9.60
N ALA B 141 -18.43 -17.11 10.46
CA ALA B 141 -18.06 -17.18 11.87
C ALA B 141 -16.66 -17.75 12.06
N GLU B 142 -16.34 -18.77 11.27
CA GLU B 142 -15.04 -19.41 11.38
C GLU B 142 -13.90 -18.57 10.80
N LEU B 143 -14.06 -18.14 9.54
CA LEU B 143 -13.00 -17.42 8.83
C LEU B 143 -12.80 -16.01 9.36
N ILE B 144 -13.89 -15.25 9.56
CA ILE B 144 -13.80 -13.90 10.10
C ILE B 144 -13.59 -13.91 11.62
N GLY B 145 -14.19 -14.88 12.31
CA GLY B 145 -13.99 -14.99 13.77
C GLY B 145 -12.54 -15.33 14.13
N THR B 146 -12.00 -16.43 13.60
CA THR B 146 -10.61 -16.81 13.95
C THR B 146 -9.59 -15.79 13.49
N ASN B 147 -9.75 -15.30 12.27
CA ASN B 147 -8.71 -14.48 11.65
CA ASN B 147 -8.70 -14.50 11.68
C ASN B 147 -8.77 -13.03 12.04
N ALA B 148 -9.94 -12.57 12.51
CA ALA B 148 -10.08 -11.15 12.79
C ALA B 148 -10.79 -10.80 14.10
N ILE B 149 -11.96 -11.36 14.36
CA ILE B 149 -12.71 -10.95 15.55
CA ILE B 149 -12.73 -10.96 15.54
C ILE B 149 -12.05 -11.46 16.83
N ALA B 150 -11.63 -12.72 16.84
CA ALA B 150 -10.91 -13.25 18.02
C ALA B 150 -9.62 -12.41 18.30
N PRO B 151 -8.80 -12.10 17.27
CA PRO B 151 -7.67 -11.20 17.54
C PRO B 151 -8.08 -9.85 18.15
N PHE B 152 -9.18 -9.27 17.64
CA PHE B 152 -9.70 -8.01 18.19
C PHE B 152 -10.09 -8.16 19.67
N LEU B 153 -10.83 -9.22 19.98
CA LEU B 153 -11.30 -9.43 21.36
C LEU B 153 -10.15 -9.75 22.30
N LEU B 154 -9.20 -10.55 21.82
CA LEU B 154 -8.00 -10.84 22.62
C LEU B 154 -7.18 -9.56 22.87
N THR B 155 -7.05 -8.73 21.84
CA THR B 155 -6.40 -7.41 21.97
C THR B 155 -7.07 -6.54 23.04
N MET B 156 -8.42 -6.49 23.01
CA MET B 156 -9.19 -5.73 24.01
CA MET B 156 -9.14 -5.70 24.00
C MET B 156 -8.88 -6.24 25.41
N SER B 157 -8.99 -7.56 25.56
CA SER B 157 -8.76 -8.17 26.89
C SER B 157 -7.31 -7.98 27.36
N PHE B 158 -6.35 -8.14 26.43
CA PHE B 158 -4.92 -7.93 26.76
C PHE B 158 -4.71 -6.50 27.28
N ALA B 159 -5.23 -5.52 26.55
CA ALA B 159 -5.06 -4.10 26.88
C ALA B 159 -5.77 -3.72 28.17
N GLN B 160 -6.99 -4.24 28.37
CA GLN B 160 -7.78 -3.93 29.55
C GLN B 160 -7.08 -4.40 30.82
N ARG B 161 -6.37 -5.53 30.70
CA ARG B 161 -5.66 -6.09 31.85
C ARG B 161 -4.37 -5.35 32.21
N GLN B 162 -3.81 -4.57 31.29
CA GLN B 162 -2.52 -3.90 31.53
C GLN B 162 -2.65 -2.68 32.44
N SER B 172 9.65 -3.02 31.17
CA SER B 172 8.39 -3.43 30.53
C SER B 172 8.51 -3.36 29.00
N ASN B 173 8.05 -4.41 28.33
CA ASN B 173 8.07 -4.49 26.87
C ASN B 173 6.85 -5.28 26.38
N LEU B 174 5.71 -4.62 26.38
CA LEU B 174 4.43 -5.24 26.02
C LEU B 174 4.22 -5.17 24.52
N SER B 175 3.86 -6.29 23.89
CA SER B 175 3.48 -6.19 22.49
C SER B 175 2.59 -7.31 22.04
N ILE B 176 1.96 -7.05 20.90
CA ILE B 176 1.08 -8.00 20.22
C ILE B 176 1.65 -8.23 18.84
N VAL B 177 1.65 -9.49 18.39
CA VAL B 177 2.07 -9.81 17.01
C VAL B 177 0.95 -10.58 16.34
N ASN B 178 0.47 -10.06 15.19
CA ASN B 178 -0.57 -10.72 14.41
C ASN B 178 -0.02 -11.43 13.21
N LEU B 179 -0.42 -12.69 13.00
CA LEU B 179 0.02 -13.47 11.84
C LEU B 179 -0.86 -13.09 10.66
N CYS B 180 -0.29 -12.30 9.75
CA CYS B 180 -0.97 -11.76 8.60
C CYS B 180 -0.71 -12.66 7.37
N ASP B 181 -0.75 -12.11 6.16
CA ASP B 181 -0.57 -12.92 4.97
C ASP B 181 0.08 -12.00 3.93
N ALA B 182 1.26 -12.37 3.44
CA ALA B 182 1.96 -11.51 2.47
C ALA B 182 1.22 -11.41 1.13
N MET B 183 0.31 -12.35 0.86
CA MET B 183 -0.43 -12.37 -0.40
C MET B 183 -1.82 -11.76 -0.36
N VAL B 184 -2.10 -10.93 0.64
CA VAL B 184 -3.44 -10.34 0.78
C VAL B 184 -3.91 -9.55 -0.43
N ASP B 185 -2.98 -8.97 -1.17
CA ASP B 185 -3.36 -8.20 -2.36
C ASP B 185 -3.30 -8.98 -3.66
N GLN B 186 -2.91 -10.26 -3.60
CA GLN B 186 -2.89 -11.14 -4.76
C GLN B 186 -3.48 -12.48 -4.28
N PRO B 187 -4.77 -12.48 -3.93
CA PRO B 187 -5.27 -13.62 -3.17
C PRO B 187 -5.53 -14.88 -4.01
N CSX B 188 -5.62 -16.03 -3.35
CA CSX B 188 -5.97 -17.25 -4.05
CB CSX B 188 -5.78 -18.51 -3.22
SG CSX B 188 -4.10 -18.82 -2.99
C CSX B 188 -7.41 -17.15 -4.49
O CSX B 188 -8.27 -16.59 -3.78
OD CSX B 188 -4.01 -18.91 -1.52
N MET B 189 -7.66 -17.69 -5.67
CA MET B 189 -8.99 -17.80 -6.22
C MET B 189 -9.97 -18.49 -5.25
N ALA B 190 -11.13 -17.87 -5.03
CA ALA B 190 -12.23 -18.46 -4.25
C ALA B 190 -11.98 -18.45 -2.73
N PHE B 191 -11.04 -17.61 -2.28
CA PHE B 191 -10.77 -17.47 -0.84
C PHE B 191 -11.24 -16.12 -0.29
N SER B 192 -12.41 -15.64 -0.72
CA SER B 192 -12.79 -14.28 -0.34
CA SER B 192 -12.86 -14.29 -0.34
C SER B 192 -12.91 -14.08 1.17
N LEU B 193 -13.56 -14.99 1.88
CA LEU B 193 -13.72 -14.78 3.32
C LEU B 193 -12.39 -14.83 4.09
N TYR B 194 -11.53 -15.77 3.72
CA TYR B 194 -10.19 -15.83 4.31
C TYR B 194 -9.48 -14.50 4.05
N ASN B 195 -9.50 -14.06 2.79
CA ASN B 195 -8.81 -12.82 2.42
C ASN B 195 -9.40 -11.60 3.15
N MET B 196 -10.73 -11.54 3.26
CA MET B 196 -11.37 -10.49 4.03
C MET B 196 -10.89 -10.48 5.48
N GLY B 197 -10.84 -11.66 6.10
CA GLY B 197 -10.36 -11.78 7.48
C GLY B 197 -8.91 -11.30 7.65
N LYS B 198 -8.05 -11.66 6.71
CA LYS B 198 -6.63 -11.27 6.81
C LYS B 198 -6.47 -9.75 6.54
N HIS B 199 -7.28 -9.20 5.63
CA HIS B 199 -7.28 -7.73 5.46
C HIS B 199 -7.75 -7.03 6.74
N ALA B 200 -8.83 -7.58 7.37
CA ALA B 200 -9.33 -7.00 8.61
C ALA B 200 -8.23 -7.03 9.68
N LEU B 201 -7.43 -8.09 9.69
CA LEU B 201 -6.33 -8.20 10.67
C LEU B 201 -5.25 -7.15 10.45
N VAL B 202 -4.99 -6.77 9.19
CA VAL B 202 -4.10 -5.63 8.92
C VAL B 202 -4.68 -4.35 9.55
N GLY B 203 -5.99 -4.11 9.35
CA GLY B 203 -6.64 -2.95 9.91
C GLY B 203 -6.55 -2.97 11.44
N LEU B 204 -6.76 -4.14 12.04
CA LEU B 204 -6.63 -4.24 13.50
C LEU B 204 -5.21 -3.89 13.96
N THR B 205 -4.23 -4.41 13.23
CA THR B 205 -2.82 -4.19 13.59
C THR B 205 -2.54 -2.69 13.59
N GLN B 206 -3.01 -2.00 12.55
CA GLN B 206 -2.76 -0.57 12.47
CA GLN B 206 -2.81 -0.55 12.44
C GLN B 206 -3.58 0.23 13.50
N SER B 207 -4.89 -0.05 13.61
CA SER B 207 -5.74 0.66 14.57
C SER B 207 -5.30 0.45 16.02
N ALA B 208 -4.97 -0.79 16.37
CA ALA B 208 -4.52 -1.09 17.73
C ALA B 208 -3.12 -0.52 18.01
N ALA B 209 -2.24 -0.51 17.01
CA ALA B 209 -0.94 0.15 17.20
C ALA B 209 -1.15 1.62 17.58
N LEU B 210 -2.05 2.29 16.87
CA LEU B 210 -2.29 3.70 17.13
CA LEU B 210 -2.32 3.70 17.15
C LEU B 210 -2.89 3.92 18.54
N GLU B 211 -3.89 3.12 18.87
CA GLU B 211 -4.66 3.34 20.09
C GLU B 211 -3.94 2.88 21.36
N LEU B 212 -3.09 1.85 21.21
CA LEU B 212 -2.42 1.28 22.38
C LEU B 212 -1.02 1.86 22.59
N ALA B 213 -0.51 2.61 21.59
CA ALA B 213 0.79 3.26 21.77
C ALA B 213 0.94 4.09 23.06
N PRO B 214 -0.09 4.86 23.48
CA PRO B 214 0.05 5.62 24.74
C PRO B 214 0.26 4.74 25.98
N TYR B 215 -0.15 3.48 25.90
CA TYR B 215 0.03 2.52 26.99
C TYR B 215 1.37 1.78 26.89
N GLY B 216 2.15 2.08 25.85
CA GLY B 216 3.44 1.42 25.63
C GLY B 216 3.29 0.02 25.05
N ILE B 217 2.12 -0.28 24.50
CA ILE B 217 1.88 -1.60 23.89
C ILE B 217 2.09 -1.46 22.39
N ARG B 218 3.08 -2.16 21.87
CA ARG B 218 3.33 -2.14 20.43
C ARG B 218 2.49 -3.21 19.76
N VAL B 219 2.10 -3.00 18.51
CA VAL B 219 1.27 -3.98 17.80
C VAL B 219 1.79 -4.09 16.38
N ASN B 220 2.21 -5.28 15.99
CA ASN B 220 2.87 -5.52 14.70
C ASN B 220 2.38 -6.79 14.05
N GLY B 221 2.80 -7.05 12.83
CA GLY B 221 2.44 -8.27 12.17
C GLY B 221 3.61 -8.95 11.50
N VAL B 222 3.47 -10.25 11.29
CA VAL B 222 4.38 -11.06 10.46
C VAL B 222 3.51 -11.68 9.39
N ALA B 223 3.94 -11.52 8.14
CA ALA B 223 3.13 -11.93 6.99
C ALA B 223 3.86 -13.01 6.18
N PRO B 224 3.58 -14.30 6.42
CA PRO B 224 4.17 -15.35 5.61
C PRO B 224 3.65 -15.34 4.18
N GLY B 225 4.45 -15.84 3.24
CA GLY B 225 3.93 -16.09 1.88
C GLY B 225 3.49 -17.55 1.84
N VAL B 226 4.39 -18.42 1.41
CA VAL B 226 4.14 -19.83 1.59
CA VAL B 226 4.16 -19.85 1.56
C VAL B 226 5.09 -20.36 2.65
N SER B 227 4.50 -20.90 3.72
CA SER B 227 5.28 -21.50 4.77
C SER B 227 4.87 -22.98 4.76
N LEU B 228 4.66 -23.57 5.92
CA LEU B 228 4.29 -24.99 5.99
C LEU B 228 3.02 -25.26 5.19
N LEU B 229 3.16 -26.14 4.20
CA LEU B 229 2.07 -26.44 3.27
C LEU B 229 1.07 -27.40 3.92
N PRO B 230 -0.19 -27.42 3.42
CA PRO B 230 -1.18 -28.33 4.02
C PRO B 230 -0.62 -29.76 4.06
N VAL B 231 -0.87 -30.46 5.16
CA VAL B 231 -0.28 -31.80 5.39
C VAL B 231 -0.70 -32.82 4.33
N ALA B 232 -1.95 -32.73 3.86
CA ALA B 232 -2.48 -33.66 2.85
C ALA B 232 -1.93 -33.46 1.43
N MET B 233 -1.42 -32.26 1.17
CA MET B 233 -1.07 -31.84 -0.19
C MET B 233 0.03 -32.72 -0.78
N GLY B 234 -0.18 -33.19 -2.01
CA GLY B 234 0.84 -33.97 -2.73
C GLY B 234 2.13 -33.18 -2.94
N GLU B 235 3.29 -33.83 -2.84
CA GLU B 235 4.57 -33.15 -3.10
C GLU B 235 4.60 -32.45 -4.45
N GLU B 236 3.92 -33.04 -5.44
CA GLU B 236 3.94 -32.49 -6.79
C GLU B 236 3.19 -31.15 -6.83
N GLU B 237 2.15 -31.01 -6.00
CA GLU B 237 1.45 -29.75 -5.85
C GLU B 237 2.28 -28.79 -4.98
N LYS B 238 2.88 -29.29 -3.89
CA LYS B 238 3.77 -28.45 -3.07
C LYS B 238 4.89 -27.83 -3.92
N ASP B 239 5.43 -28.61 -4.86
CA ASP B 239 6.50 -28.16 -5.75
C ASP B 239 6.10 -27.03 -6.68
N LYS B 240 4.84 -27.01 -7.13
CA LYS B 240 4.34 -25.93 -7.98
C LYS B 240 4.42 -24.59 -7.24
N TRP B 241 4.20 -24.63 -5.92
CA TRP B 241 4.27 -23.41 -5.11
C TRP B 241 5.70 -23.06 -4.73
N ARG B 242 6.46 -24.08 -4.33
CA ARG B 242 7.88 -23.90 -4.01
C ARG B 242 8.63 -23.25 -5.16
N ARG B 243 8.35 -23.70 -6.39
CA ARG B 243 9.05 -23.21 -7.58
C ARG B 243 8.80 -21.72 -7.85
N LYS B 244 7.74 -21.17 -7.28
CA LYS B 244 7.41 -19.74 -7.48
C LYS B 244 8.23 -18.83 -6.59
N VAL B 245 8.85 -19.36 -5.54
CA VAL B 245 9.52 -18.52 -4.54
C VAL B 245 10.92 -18.12 -5.02
N PRO B 246 11.16 -16.82 -5.25
CA PRO B 246 12.49 -16.40 -5.76
C PRO B 246 13.65 -16.84 -4.87
N LEU B 247 13.51 -16.71 -3.56
CA LEU B 247 14.62 -16.99 -2.66
C LEU B 247 14.66 -18.46 -2.25
N GLY B 248 15.37 -19.27 -3.04
CA GLY B 248 15.62 -20.67 -2.71
C GLY B 248 14.60 -21.69 -3.19
N ARG B 249 13.53 -21.24 -3.85
CA ARG B 249 12.51 -22.15 -4.41
C ARG B 249 12.02 -23.14 -3.36
N ARG B 250 11.71 -22.61 -2.18
CA ARG B 250 11.23 -23.43 -1.06
C ARG B 250 10.31 -22.54 -0.21
N GLU B 251 9.46 -23.19 0.58
CA GLU B 251 8.60 -22.51 1.54
C GLU B 251 9.37 -22.10 2.79
N ALA B 252 8.85 -21.12 3.53
CA ALA B 252 9.45 -20.78 4.84
C ALA B 252 9.26 -21.93 5.80
N SER B 253 10.27 -22.20 6.61
CA SER B 253 10.07 -23.05 7.78
C SER B 253 9.22 -22.32 8.82
N ALA B 254 8.60 -23.06 9.72
CA ALA B 254 7.87 -22.44 10.83
C ALA B 254 8.85 -21.61 11.67
N GLU B 255 10.09 -22.09 11.78
CA GLU B 255 11.09 -21.41 12.58
C GLU B 255 11.50 -20.05 12.01
N GLN B 256 11.54 -19.96 10.69
CA GLN B 256 11.81 -18.67 10.03
C GLN B 256 10.69 -17.65 10.29
N ILE B 257 9.44 -18.11 10.28
CA ILE B 257 8.34 -17.22 10.66
C ILE B 257 8.48 -16.80 12.12
N ALA B 258 8.75 -17.78 13.01
CA ALA B 258 8.97 -17.48 14.42
C ALA B 258 10.10 -16.50 14.68
N ASP B 259 11.18 -16.57 13.88
CA ASP B 259 12.30 -15.61 14.03
C ASP B 259 11.84 -14.15 13.91
N ALA B 260 10.89 -13.87 13.00
CA ALA B 260 10.41 -12.50 12.84
C ALA B 260 9.52 -12.10 14.01
N VAL B 261 8.75 -13.05 14.56
CA VAL B 261 7.97 -12.79 15.78
C VAL B 261 8.89 -12.44 16.96
N ILE B 262 9.94 -13.22 17.12
CA ILE B 262 10.93 -13.01 18.19
C ILE B 262 11.59 -11.63 18.07
N PHE B 263 11.97 -11.24 16.85
CA PHE B 263 12.48 -9.87 16.67
C PHE B 263 11.46 -8.83 17.12
N LEU B 264 10.21 -8.98 16.66
CA LEU B 264 9.21 -7.97 16.99
C LEU B 264 8.87 -7.81 18.46
N VAL B 265 8.97 -8.89 19.24
CA VAL B 265 8.70 -8.76 20.66
C VAL B 265 9.93 -8.34 21.46
N SER B 266 11.09 -8.29 20.79
CA SER B 266 12.37 -8.04 21.47
C SER B 266 12.63 -6.57 21.74
N GLY B 267 13.64 -6.35 22.58
CA GLY B 267 14.13 -4.99 22.87
C GLY B 267 14.72 -4.27 21.65
N SER B 268 15.02 -5.04 20.60
CA SER B 268 15.57 -4.53 19.34
C SER B 268 14.49 -3.94 18.43
N ALA B 269 13.23 -4.01 18.87
CA ALA B 269 12.10 -3.51 18.09
C ALA B 269 11.26 -2.52 18.91
N GLN B 270 11.86 -1.91 19.92
CA GLN B 270 11.05 -1.11 20.82
CA GLN B 270 11.21 -1.00 20.87
C GLN B 270 10.50 0.20 20.25
N TYR B 271 10.92 0.60 19.03
CA TYR B 271 10.33 1.78 18.35
C TYR B 271 9.40 1.34 17.22
N ILE B 272 9.27 0.03 17.02
CA ILE B 272 8.47 -0.51 15.92
C ILE B 272 7.04 -0.79 16.37
N THR B 273 6.08 -0.10 15.76
CA THR B 273 4.67 -0.41 15.99
C THR B 273 3.90 -0.11 14.72
N GLY B 274 2.88 -0.93 14.45
CA GLY B 274 2.07 -0.76 13.25
C GLY B 274 2.78 -1.27 12.00
N SER B 275 3.85 -2.04 12.17
CA SER B 275 4.62 -2.59 11.03
C SER B 275 4.29 -4.04 10.77
N ILE B 276 4.20 -4.40 9.48
CA ILE B 276 3.99 -5.80 9.09
C ILE B 276 5.19 -6.27 8.29
N ILE B 277 5.93 -7.22 8.85
CA ILE B 277 7.13 -7.75 8.20
C ILE B 277 6.77 -8.95 7.32
N LYS B 278 6.94 -8.82 6.00
CA LYS B 278 6.78 -9.99 5.13
C LYS B 278 7.92 -10.95 5.35
N VAL B 279 7.58 -12.23 5.47
CA VAL B 279 8.58 -13.30 5.50
C VAL B 279 8.21 -14.28 4.39
N ASP B 280 8.50 -13.90 3.14
CA ASP B 280 7.93 -14.59 2.00
C ASP B 280 8.91 -14.95 0.89
N GLY B 281 10.22 -14.78 1.12
CA GLY B 281 11.19 -15.19 0.09
C GLY B 281 11.04 -14.43 -1.22
N GLY B 282 10.36 -13.28 -1.19
CA GLY B 282 10.09 -12.51 -2.43
C GLY B 282 8.83 -12.89 -3.20
N LEU B 283 8.05 -13.85 -2.67
CA LEU B 283 6.91 -14.38 -3.41
C LEU B 283 5.90 -13.32 -3.85
N SER B 284 5.63 -12.35 -2.97
CA SER B 284 4.65 -11.29 -3.26
C SER B 284 5.08 -10.31 -4.36
N LEU B 285 6.38 -10.36 -4.71
CA LEU B 285 6.93 -9.51 -5.76
C LEU B 285 6.81 -10.09 -7.15
N VAL B 286 6.35 -11.36 -7.25
CA VAL B 286 6.37 -12.12 -8.50
C VAL B 286 5.05 -11.92 -9.25
N HIS B 287 5.14 -11.39 -10.47
CA HIS B 287 3.94 -11.19 -11.29
C HIS B 287 3.38 -12.52 -11.83
N ALA B 288 2.13 -12.48 -12.25
CA ALA B 288 1.47 -13.65 -12.83
C ALA B 288 2.22 -14.24 -14.01
N GLU C 22 -13.24 30.55 -24.42
CA GLU C 22 -12.42 29.72 -25.35
C GLU C 22 -12.31 28.25 -24.91
N ALA C 23 -11.90 27.39 -25.84
CA ALA C 23 -11.75 25.97 -25.59
C ALA C 23 -10.50 25.72 -24.73
N PRO C 24 -10.58 24.74 -23.79
CA PRO C 24 -9.36 24.48 -23.01
C PRO C 24 -8.28 23.83 -23.88
N ALA C 25 -7.04 23.77 -23.38
CA ALA C 25 -5.93 23.23 -24.14
C ALA C 25 -5.14 22.22 -23.30
N ALA C 26 -4.61 21.20 -23.97
CA ALA C 26 -3.88 20.11 -23.30
C ALA C 26 -2.56 19.83 -24.00
N VAL C 27 -1.53 19.51 -23.22
CA VAL C 27 -0.27 18.96 -23.72
C VAL C 27 -0.27 17.46 -23.49
N VAL C 28 0.02 16.69 -24.54
CA VAL C 28 0.20 15.23 -24.39
C VAL C 28 1.62 14.86 -24.85
N THR C 29 2.45 14.36 -23.93
CA THR C 29 3.79 13.96 -24.36
C THR C 29 3.78 12.58 -25.02
N GLY C 30 4.69 12.34 -25.96
CA GLY C 30 4.70 11.07 -26.68
C GLY C 30 3.39 10.77 -27.38
N ALA C 31 2.79 11.81 -28.00
CA ALA C 31 1.42 11.72 -28.49
C ALA C 31 1.27 11.21 -29.94
N ALA C 32 2.37 10.89 -30.59
CA ALA C 32 2.30 10.50 -32.01
C ALA C 32 1.67 9.14 -32.26
N LYS C 33 1.89 8.21 -31.34
CA LYS C 33 1.43 6.84 -31.54
C LYS C 33 0.82 6.24 -30.28
N ARG C 34 0.21 5.06 -30.45
CA ARG C 34 -0.24 4.19 -29.37
C ARG C 34 -1.06 4.93 -28.31
N ILE C 35 -0.68 4.85 -27.04
CA ILE C 35 -1.50 5.40 -25.96
C ILE C 35 -1.61 6.93 -26.01
N GLY C 36 -0.48 7.61 -26.26
CA GLY C 36 -0.50 9.08 -26.31
C GLY C 36 -1.41 9.60 -27.41
N ARG C 37 -1.40 8.92 -28.56
CA ARG C 37 -2.28 9.27 -29.69
C ARG C 37 -3.74 9.12 -29.29
N ALA C 38 -4.08 7.99 -28.67
CA ALA C 38 -5.47 7.75 -28.27
C ALA C 38 -5.92 8.80 -27.26
N ILE C 39 -5.01 9.20 -26.36
CA ILE C 39 -5.30 10.25 -25.38
C ILE C 39 -5.54 11.60 -26.07
N ALA C 40 -4.63 11.97 -26.99
CA ALA C 40 -4.80 13.23 -27.71
C ALA C 40 -6.10 13.26 -28.50
N VAL C 41 -6.44 12.16 -29.17
CA VAL C 41 -7.68 12.06 -29.95
C VAL C 41 -8.90 12.26 -29.06
N LYS C 42 -8.95 11.53 -27.94
CA LYS C 42 -10.09 11.66 -27.04
C LYS C 42 -10.21 13.04 -26.39
N LEU C 43 -9.08 13.67 -26.02
CA LEU C 43 -9.15 15.04 -25.50
C LEU C 43 -9.72 15.96 -26.58
N HIS C 44 -9.21 15.81 -27.80
CA HIS C 44 -9.67 16.63 -28.92
C HIS C 44 -11.18 16.44 -29.13
N GLN C 45 -11.63 15.19 -29.08
CA GLN C 45 -13.06 14.87 -29.24
C GLN C 45 -13.93 15.48 -28.14
N THR C 46 -13.34 15.67 -26.96
CA THR C 46 -14.01 16.29 -25.81
C THR C 46 -14.01 17.81 -25.92
N GLY C 47 -13.28 18.35 -26.91
CA GLY C 47 -13.26 19.80 -27.12
C GLY C 47 -12.00 20.51 -26.72
N TYR C 48 -10.95 19.77 -26.38
CA TYR C 48 -9.63 20.36 -26.11
C TYR C 48 -8.91 20.68 -27.42
N ARG C 49 -8.15 21.77 -27.39
CA ARG C 49 -7.07 21.98 -28.33
C ARG C 49 -5.84 21.27 -27.77
N VAL C 50 -5.01 20.70 -28.65
CA VAL C 50 -3.94 19.80 -28.21
C VAL C 50 -2.56 20.13 -28.77
N VAL C 51 -1.55 20.01 -27.91
CA VAL C 51 -0.15 19.99 -28.34
C VAL C 51 0.27 18.52 -28.40
N ILE C 52 0.66 18.08 -29.58
CA ILE C 52 1.14 16.75 -29.85
C ILE C 52 2.66 16.77 -29.77
N HIS C 53 3.20 16.32 -28.64
CA HIS C 53 4.65 16.27 -28.49
C HIS C 53 5.23 14.99 -29.12
N TYR C 54 6.41 15.14 -29.71
CA TYR C 54 7.13 13.99 -30.27
C TYR C 54 8.64 14.21 -30.11
N HIS C 55 9.39 13.12 -30.22
CA HIS C 55 10.84 13.20 -30.23
C HIS C 55 11.32 12.81 -31.63
N ASN C 56 11.09 11.56 -32.01
CA ASN C 56 11.52 11.06 -33.33
C ASN C 56 10.40 10.91 -34.34
N SER C 57 9.18 10.82 -33.86
CA SER C 57 8.05 10.47 -34.72
C SER C 57 7.36 11.69 -35.34
N ALA C 58 8.12 12.51 -36.06
CA ALA C 58 7.59 13.74 -36.67
C ALA C 58 6.45 13.50 -37.68
N GLU C 59 6.65 12.52 -38.56
CA GLU C 59 5.67 12.22 -39.60
C GLU C 59 4.32 11.84 -38.97
N ALA C 60 4.37 10.91 -38.00
CA ALA C 60 3.17 10.48 -37.29
C ALA C 60 2.50 11.63 -36.50
N ALA C 61 3.30 12.50 -35.89
CA ALA C 61 2.77 13.63 -35.11
C ALA C 61 2.02 14.61 -36.01
N VAL C 62 2.64 14.95 -37.13
CA VAL C 62 2.02 15.84 -38.09
C VAL C 62 0.76 15.20 -38.71
N SER C 63 0.84 13.91 -39.03
CA SER C 63 -0.33 13.18 -39.57
C SER C 63 -1.52 13.25 -38.61
N LEU C 64 -1.25 13.09 -37.32
CA LEU C 64 -2.31 13.21 -36.31
C LEU C 64 -2.83 14.65 -36.25
N ALA C 65 -1.92 15.63 -36.22
CA ALA C 65 -2.32 17.04 -36.16
C ALA C 65 -3.19 17.41 -37.39
N ASP C 66 -2.79 16.92 -38.56
CA ASP C 66 -3.56 17.12 -39.79
C ASP C 66 -5.00 16.59 -39.64
N GLU C 67 -5.15 15.36 -39.11
CA GLU C 67 -6.49 14.76 -38.91
C GLU C 67 -7.36 15.58 -37.96
N LEU C 68 -6.77 16.02 -36.85
CA LEU C 68 -7.48 16.82 -35.85
C LEU C 68 -7.85 18.21 -36.37
N ASN C 69 -6.93 18.83 -37.12
CA ASN C 69 -7.23 20.14 -37.70
C ASN C 69 -8.29 20.08 -38.81
N LYS C 70 -8.33 18.96 -39.53
CA LYS C 70 -9.40 18.74 -40.49
C LYS C 70 -10.77 18.69 -39.80
N GLU C 71 -10.83 18.15 -38.57
CA GLU C 71 -12.07 18.15 -37.79
CA GLU C 71 -12.08 18.16 -37.80
C GLU C 71 -12.42 19.56 -37.32
N ARG C 72 -11.44 20.27 -36.74
CA ARG C 72 -11.63 21.67 -36.29
C ARG C 72 -10.34 22.43 -36.55
N SER C 73 -10.41 23.49 -37.34
CA SER C 73 -9.22 24.25 -37.75
C SER C 73 -8.44 24.86 -36.58
N ASN C 74 -7.11 24.73 -36.66
CA ASN C 74 -6.18 25.35 -35.71
C ASN C 74 -6.48 24.93 -34.27
N THR C 75 -6.75 23.65 -34.09
CA THR C 75 -6.95 23.11 -32.75
C THR C 75 -5.86 22.12 -32.34
N ALA C 76 -4.87 21.91 -33.21
CA ALA C 76 -3.78 20.96 -32.93
C ALA C 76 -2.47 21.47 -33.48
N VAL C 77 -1.43 21.40 -32.64
CA VAL C 77 -0.08 21.77 -33.05
C VAL C 77 0.86 20.68 -32.59
N VAL C 78 2.04 20.60 -33.19
CA VAL C 78 3.06 19.66 -32.77
C VAL C 78 4.21 20.38 -32.05
N CYS C 79 4.95 19.64 -31.24
CA CYS C 79 6.12 20.21 -30.56
C CYS C 79 7.17 19.13 -30.41
N GLN C 80 8.35 19.37 -30.99
CA GLN C 80 9.48 18.45 -30.89
C GLN C 80 10.27 18.70 -29.58
N ALA C 81 10.57 17.63 -28.86
CA ALA C 81 11.54 17.73 -27.75
C ALA C 81 12.06 16.34 -27.42
N ASP C 82 13.36 16.24 -27.18
CA ASP C 82 13.98 15.02 -26.63
C ASP C 82 13.79 15.06 -25.12
N LEU C 83 13.15 14.04 -24.55
CA LEU C 83 12.89 14.03 -23.10
C LEU C 83 13.91 13.25 -22.24
N THR C 84 14.96 12.79 -22.89
CA THR C 84 16.15 12.29 -22.19
C THR C 84 16.63 13.31 -21.14
N ASN C 85 16.99 12.87 -19.92
CA ASN C 85 17.67 13.83 -19.00
C ASN C 85 19.04 14.36 -19.51
N SER C 86 19.19 15.68 -19.51
CA SER C 86 20.44 16.36 -19.82
C SER C 86 20.40 17.74 -19.21
N ASN C 87 21.48 18.50 -19.41
CA ASN C 87 21.50 19.91 -18.99
C ASN C 87 20.44 20.75 -19.67
N VAL C 88 19.99 20.31 -20.85
CA VAL C 88 18.94 21.03 -21.61
C VAL C 88 17.52 20.49 -21.40
N LEU C 89 17.35 19.40 -20.64
CA LEU C 89 15.97 18.92 -20.38
C LEU C 89 15.05 19.99 -19.77
N PRO C 90 15.53 20.78 -18.78
CA PRO C 90 14.64 21.83 -18.26
C PRO C 90 14.14 22.80 -19.34
N ALA C 91 15.04 23.26 -20.22
CA ALA C 91 14.63 24.14 -21.31
C ALA C 91 13.64 23.46 -22.27
N SER C 92 13.89 22.19 -22.59
CA SER C 92 12.98 21.45 -23.47
C SER C 92 11.58 21.34 -22.88
N CYS C 93 11.50 21.07 -21.58
CA CYS C 93 10.21 20.95 -20.91
C CYS C 93 9.51 22.30 -20.82
N GLU C 94 10.27 23.36 -20.53
CA GLU C 94 9.70 24.72 -20.56
C GLU C 94 9.11 25.03 -21.94
N GLU C 95 9.80 24.60 -23.01
CA GLU C 95 9.35 24.87 -24.38
C GLU C 95 8.07 24.14 -24.69
N ILE C 96 7.94 22.89 -24.19
CA ILE C 96 6.70 22.13 -24.41
C ILE C 96 5.52 22.91 -23.84
N ILE C 97 5.65 23.35 -22.58
CA ILE C 97 4.57 24.11 -21.96
C ILE C 97 4.34 25.45 -22.66
N ASN C 98 5.45 26.13 -22.98
CA ASN C 98 5.36 27.40 -23.71
C ASN C 98 4.62 27.26 -25.03
N SER C 99 4.86 26.16 -25.73
CA SER C 99 4.23 25.95 -27.05
C SER C 99 2.70 25.91 -26.92
N CYS C 100 2.19 25.36 -25.82
CA CYS C 100 0.75 25.37 -25.58
C CYS C 100 0.19 26.79 -25.39
N PHE C 101 0.83 27.57 -24.53
CA PHE C 101 0.45 28.97 -24.32
C PHE C 101 0.54 29.82 -25.59
N ARG C 102 1.54 29.56 -26.42
CA ARG C 102 1.70 30.34 -27.62
C ARG C 102 0.62 30.05 -28.65
N ALA C 103 0.30 28.77 -28.83
CA ALA C 103 -0.70 28.37 -29.81
C ALA C 103 -2.11 28.73 -29.35
N PHE C 104 -2.38 28.56 -28.04
CA PHE C 104 -3.74 28.54 -27.56
C PHE C 104 -4.06 29.54 -26.44
N GLY C 105 -3.03 30.16 -25.89
CA GLY C 105 -3.20 31.21 -24.87
C GLY C 105 -3.46 30.69 -23.46
N ARG C 106 -3.38 29.39 -23.28
CA ARG C 106 -3.70 28.75 -22.00
C ARG C 106 -3.16 27.32 -22.04
N CYS C 107 -3.05 26.71 -20.86
CA CYS C 107 -2.67 25.30 -20.75
C CYS C 107 -3.38 24.75 -19.53
N ASP C 108 -4.43 23.97 -19.79
CA ASP C 108 -5.34 23.48 -18.74
C ASP C 108 -4.96 22.10 -18.26
N VAL C 109 -4.39 21.29 -19.16
CA VAL C 109 -4.12 19.87 -18.90
C VAL C 109 -2.73 19.48 -19.40
N LEU C 110 -1.98 18.79 -18.53
CA LEU C 110 -0.71 18.16 -18.91
C LEU C 110 -0.85 16.64 -18.73
N VAL C 111 -0.60 15.89 -19.81
CA VAL C 111 -0.57 14.43 -19.73
C VAL C 111 0.86 13.95 -19.95
N ASN C 112 1.47 13.45 -18.87
CA ASN C 112 2.83 12.88 -18.93
C ASN C 112 2.75 11.44 -19.36
N ASN C 113 2.75 11.24 -20.67
CA ASN C 113 2.55 9.91 -21.26
C ASN C 113 3.86 9.33 -21.82
N ALA C 114 4.77 10.17 -22.32
CA ALA C 114 6.02 9.66 -22.89
C ALA C 114 6.75 8.73 -21.92
N SER C 115 7.24 7.61 -22.44
CA SER C 115 8.08 6.75 -21.62
C SER C 115 8.98 5.82 -22.41
N ALA C 116 10.13 5.56 -21.83
CA ALA C 116 11.04 4.56 -22.34
C ALA C 116 10.86 3.28 -21.54
N PHE C 117 11.09 2.14 -22.20
CA PHE C 117 10.86 0.84 -21.59
C PHE C 117 11.81 -0.19 -22.19
N TYR C 118 12.73 -0.66 -21.36
CA TYR C 118 13.63 -1.75 -21.74
C TYR C 118 14.37 -2.28 -20.51
N PRO C 119 14.90 -3.51 -20.59
CA PRO C 119 15.55 -4.07 -19.40
C PRO C 119 16.95 -3.48 -19.16
N THR C 120 17.32 -3.49 -17.88
CA THR C 120 18.62 -3.06 -17.41
C THR C 120 19.08 -4.05 -16.35
N PRO C 121 19.62 -5.21 -16.79
CA PRO C 121 19.97 -6.24 -15.79
C PRO C 121 21.02 -5.75 -14.79
N LEU C 122 20.88 -6.19 -13.55
CA LEU C 122 21.88 -5.83 -12.52
C LEU C 122 23.18 -6.60 -12.68
N VAL C 123 23.09 -7.80 -13.26
CA VAL C 123 24.26 -8.69 -13.43
C VAL C 123 24.41 -8.99 -14.92
N GLN C 124 25.56 -8.62 -15.47
CA GLN C 124 25.85 -8.76 -16.90
C GLN C 124 26.50 -10.10 -17.23
N LYS C 134 24.16 0.94 -25.01
CA LYS C 134 24.03 2.14 -24.18
C LYS C 134 24.81 1.99 -22.89
N THR C 135 25.54 3.05 -22.52
CA THR C 135 26.19 3.11 -21.22
C THR C 135 25.11 3.11 -20.14
N VAL C 136 25.48 2.71 -18.94
CA VAL C 136 24.50 2.71 -17.86
C VAL C 136 23.98 4.13 -17.57
N GLU C 137 24.85 5.14 -17.64
CA GLU C 137 24.36 6.50 -17.41
C GLU C 137 23.43 7.04 -18.52
N THR C 138 23.60 6.56 -19.76
CA THR C 138 22.58 6.77 -20.82
C THR C 138 21.21 6.10 -20.48
N GLN C 139 21.26 4.85 -20.00
CA GLN C 139 20.05 4.17 -19.52
CA GLN C 139 20.07 4.16 -19.52
C GLN C 139 19.37 4.95 -18.40
N VAL C 140 20.16 5.51 -17.50
CA VAL C 140 19.62 6.39 -16.45
C VAL C 140 18.92 7.63 -17.05
N ALA C 141 19.61 8.31 -17.95
CA ALA C 141 19.04 9.45 -18.66
C ALA C 141 17.69 9.17 -19.33
N GLU C 142 17.55 8.00 -19.96
CA GLU C 142 16.29 7.62 -20.61
C GLU C 142 15.23 7.10 -19.62
N LEU C 143 15.57 6.07 -18.85
CA LEU C 143 14.58 5.40 -17.98
C LEU C 143 14.20 6.16 -16.71
N ILE C 144 15.09 7.03 -16.25
CA ILE C 144 14.78 7.91 -15.14
C ILE C 144 14.46 9.30 -15.68
N GLY C 145 15.25 9.78 -16.63
CA GLY C 145 15.01 11.12 -17.19
C GLY C 145 13.67 11.22 -17.88
N THR C 146 13.45 10.35 -18.85
CA THR C 146 12.20 10.42 -19.61
C THR C 146 11.00 10.09 -18.73
N ASN C 147 11.13 9.07 -17.90
CA ASN C 147 9.97 8.56 -17.18
C ASN C 147 9.59 9.29 -15.89
N ALA C 148 10.53 10.03 -15.30
CA ALA C 148 10.31 10.69 -14.01
C ALA C 148 10.78 12.13 -14.01
N ILE C 149 11.99 12.41 -14.48
CA ILE C 149 12.49 13.78 -14.41
C ILE C 149 11.76 14.73 -15.37
N ALA C 150 11.50 14.28 -16.60
CA ALA C 150 10.74 15.16 -17.53
C ALA C 150 9.32 15.47 -16.97
N PRO C 151 8.60 14.45 -16.45
CA PRO C 151 7.34 14.77 -15.80
C PRO C 151 7.47 15.78 -14.67
N PHE C 152 8.54 15.67 -13.86
CA PHE C 152 8.78 16.64 -12.80
C PHE C 152 8.99 18.04 -13.36
N LEU C 153 9.83 18.14 -14.39
CA LEU C 153 10.14 19.45 -14.99
C LEU C 153 8.93 20.09 -15.69
N LEU C 154 8.18 19.25 -16.42
CA LEU C 154 6.94 19.68 -17.05
C LEU C 154 5.92 20.16 -16.02
N THR C 155 5.82 19.46 -14.88
CA THR C 155 4.97 19.85 -13.79
C THR C 155 5.34 21.23 -13.24
N MET C 156 6.64 21.44 -12.99
CA MET C 156 7.13 22.75 -12.56
C MET C 156 6.75 23.85 -13.56
N SER C 157 7.02 23.62 -14.84
CA SER C 157 6.74 24.64 -15.87
C SER C 157 5.25 24.90 -15.98
N PHE C 158 4.45 23.83 -15.93
CA PHE C 158 2.97 23.95 -16.01
C PHE C 158 2.46 24.82 -14.85
N ALA C 159 2.88 24.49 -13.63
CA ALA C 159 2.46 25.20 -12.42
C ALA C 159 2.92 26.66 -12.44
N GLN C 160 4.17 26.87 -12.83
CA GLN C 160 4.75 28.23 -12.85
C GLN C 160 4.01 29.17 -13.79
N ARG C 161 3.54 28.63 -14.91
CA ARG C 161 2.85 29.43 -15.94
C ARG C 161 1.40 29.75 -15.60
N GLN C 162 0.84 29.13 -14.56
CA GLN C 162 -0.52 29.46 -14.15
C GLN C 162 -0.57 30.74 -13.30
N SER C 171 -13.72 28.60 -11.95
CA SER C 171 -13.81 28.74 -13.40
C SER C 171 -12.97 27.69 -14.13
N SER C 172 -11.69 27.61 -13.75
CA SER C 172 -10.75 26.72 -14.43
C SER C 172 -10.84 25.29 -13.89
N ASN C 173 -10.43 24.33 -14.71
CA ASN C 173 -10.28 22.94 -14.25
C ASN C 173 -8.91 22.43 -14.69
N LEU C 174 -7.89 22.81 -13.92
CA LEU C 174 -6.50 22.51 -14.24
C LEU C 174 -6.11 21.17 -13.65
N SER C 175 -5.48 20.32 -14.45
CA SER C 175 -4.95 19.06 -13.90
C SER C 175 -3.84 18.43 -14.72
N ILE C 176 -3.14 17.52 -14.05
CA ILE C 176 -2.05 16.77 -14.64
C ILE C 176 -2.39 15.30 -14.49
N VAL C 177 -2.11 14.51 -15.51
CA VAL C 177 -2.31 13.05 -15.41
C VAL C 177 -1.00 12.39 -15.82
N ASN C 178 -0.46 11.56 -14.92
CA ASN C 178 0.78 10.83 -15.14
C ASN C 178 0.48 9.40 -15.50
N LEU C 179 1.12 8.89 -16.56
CA LEU C 179 0.94 7.50 -16.99
C LEU C 179 1.87 6.61 -16.17
N CYS C 180 1.27 5.89 -15.24
CA CYS C 180 1.95 5.07 -14.24
C CYS C 180 2.05 3.63 -14.72
N ASP C 181 2.18 2.66 -13.81
CA ASP C 181 2.28 1.27 -14.23
C ASP C 181 1.59 0.42 -13.14
N ALA C 182 0.58 -0.37 -13.54
CA ALA C 182 -0.18 -1.17 -12.56
C ALA C 182 0.69 -2.23 -11.89
N MET C 183 1.79 -2.60 -12.55
CA MET C 183 2.65 -3.70 -12.08
C MET C 183 3.89 -3.21 -11.32
N VAL C 184 3.83 -1.96 -10.84
CA VAL C 184 4.97 -1.32 -10.18
C VAL C 184 5.47 -2.10 -8.94
N ASP C 185 4.58 -2.84 -8.27
CA ASP C 185 5.00 -3.62 -7.11
C ASP C 185 5.20 -5.11 -7.39
N GLN C 186 5.05 -5.51 -8.66
CA GLN C 186 5.32 -6.87 -9.10
C GLN C 186 6.06 -6.75 -10.44
N PRO C 187 7.29 -6.21 -10.39
CA PRO C 187 7.92 -5.73 -11.62
C PRO C 187 8.44 -6.83 -12.53
N CSX C 188 8.66 -6.51 -13.80
CA CSX C 188 9.26 -7.47 -14.71
CB CSX C 188 9.22 -7.04 -16.17
SG CSX C 188 7.60 -6.94 -16.76
C CSX C 188 10.69 -7.68 -14.29
O CSX C 188 11.38 -6.75 -13.85
OD CSX C 188 7.39 -5.48 -16.86
N MET C 189 11.15 -8.92 -14.42
CA MET C 189 12.53 -9.31 -14.12
C MET C 189 13.52 -8.51 -14.95
N ALA C 190 14.54 -7.98 -14.28
CA ALA C 190 15.64 -7.23 -14.91
C ALA C 190 15.25 -5.85 -15.43
N PHE C 191 14.10 -5.34 -14.96
CA PHE C 191 13.68 -3.98 -15.28
C PHE C 191 13.87 -2.98 -14.14
N SER C 192 14.99 -3.06 -13.40
CA SER C 192 15.13 -2.21 -12.21
CA SER C 192 15.20 -2.19 -12.22
C SER C 192 15.05 -0.70 -12.49
N LEU C 193 15.77 -0.20 -13.49
CA LEU C 193 15.73 1.25 -13.75
C LEU C 193 14.35 1.73 -14.20
N TYR C 194 13.71 0.95 -15.06
CA TYR C 194 12.36 1.27 -15.48
C TYR C 194 11.43 1.33 -14.26
N ASN C 195 11.52 0.31 -13.41
CA ASN C 195 10.67 0.24 -12.22
C ASN C 195 10.94 1.40 -11.26
N MET C 196 12.22 1.72 -11.08
CA MET C 196 12.59 2.87 -10.24
C MET C 196 11.95 4.15 -10.74
N GLY C 197 11.99 4.36 -12.07
CA GLY C 197 11.41 5.56 -12.67
C GLY C 197 9.91 5.60 -12.46
N LYS C 198 9.24 4.45 -12.60
CA LYS C 198 7.77 4.44 -12.44
C LYS C 198 7.39 4.63 -10.96
N HIS C 199 8.19 4.10 -10.05
CA HIS C 199 8.02 4.42 -8.63
C HIS C 199 8.22 5.89 -8.34
N ALA C 200 9.26 6.50 -8.92
CA ALA C 200 9.49 7.92 -8.74
C ALA C 200 8.27 8.72 -9.25
N LEU C 201 7.66 8.25 -10.32
CA LEU C 201 6.50 8.93 -10.90
C LEU C 201 5.30 8.87 -9.95
N VAL C 202 5.14 7.77 -9.20
CA VAL C 202 4.10 7.72 -8.17
C VAL C 202 4.41 8.78 -7.11
N GLY C 203 5.68 8.86 -6.68
CA GLY C 203 6.04 9.86 -5.70
C GLY C 203 5.77 11.27 -6.20
N LEU C 204 6.08 11.54 -7.47
CA LEU C 204 5.78 12.87 -8.05
C LEU C 204 4.28 13.16 -8.04
N THR C 205 3.48 12.15 -8.39
CA THR C 205 2.03 12.31 -8.45
C THR C 205 1.51 12.76 -7.08
N GLN C 206 2.01 12.08 -6.03
CA GLN C 206 1.55 12.38 -4.70
CA GLN C 206 1.60 12.35 -4.65
C GLN C 206 2.09 13.71 -4.19
N SER C 207 3.41 13.95 -4.35
CA SER C 207 4.00 15.22 -3.90
C SER C 207 3.42 16.43 -4.62
N ALA C 208 3.23 16.30 -5.93
CA ALA C 208 2.68 17.43 -6.71
C ALA C 208 1.18 17.64 -6.40
N ALA C 209 0.45 16.55 -6.16
CA ALA C 209 -0.97 16.69 -5.77
C ALA C 209 -1.07 17.51 -4.49
N LEU C 210 -0.20 17.22 -3.53
CA LEU C 210 -0.21 17.94 -2.26
CA LEU C 210 -0.20 17.95 -2.25
C LEU C 210 0.16 19.42 -2.42
N GLU C 211 1.25 19.66 -3.14
CA GLU C 211 1.82 20.99 -3.25
C GLU C 211 1.03 21.91 -4.19
N LEU C 212 0.38 21.34 -5.20
CA LEU C 212 -0.36 22.15 -6.17
C LEU C 212 -1.84 22.28 -5.88
N ALA C 213 -2.33 21.52 -4.90
CA ALA C 213 -3.72 21.64 -4.48
C ALA C 213 -4.13 23.07 -4.13
N PRO C 214 -3.27 23.84 -3.42
CA PRO C 214 -3.68 25.23 -3.16
C PRO C 214 -3.89 26.09 -4.43
N TYR C 215 -3.26 25.70 -5.55
CA TYR C 215 -3.43 26.41 -6.82
C TYR C 215 -4.62 25.88 -7.63
N GLY C 216 -5.34 24.91 -7.06
CA GLY C 216 -6.44 24.28 -7.77
C GLY C 216 -5.99 23.35 -8.89
N ILE C 217 -4.72 22.96 -8.87
CA ILE C 217 -4.22 22.03 -9.87
C ILE C 217 -4.29 20.62 -9.28
N ARG C 218 -5.11 19.75 -9.88
CA ARG C 218 -5.20 18.34 -9.47
C ARG C 218 -4.11 17.52 -10.15
N VAL C 219 -3.60 16.47 -9.48
CA VAL C 219 -2.54 15.64 -10.08
C VAL C 219 -2.88 14.20 -9.81
N ASN C 220 -3.07 13.42 -10.87
CA ASN C 220 -3.53 12.04 -10.77
C ASN C 220 -2.75 11.16 -11.70
N GLY C 221 -2.96 9.84 -11.61
CA GLY C 221 -2.31 8.91 -12.53
C GLY C 221 -3.30 7.88 -13.07
N VAL C 222 -2.93 7.30 -14.21
CA VAL C 222 -3.59 6.17 -14.80
C VAL C 222 -2.51 5.12 -14.96
N ALA C 223 -2.77 3.94 -14.44
CA ALA C 223 -1.80 2.86 -14.40
C ALA C 223 -2.23 1.68 -15.28
N PRO C 224 -1.74 1.60 -16.54
CA PRO C 224 -2.09 0.44 -17.39
C PRO C 224 -1.39 -0.83 -16.95
N GLY C 225 -1.92 -1.98 -17.39
CA GLY C 225 -1.26 -3.27 -17.24
C GLY C 225 -0.60 -3.61 -18.56
N VAL C 226 -1.02 -4.70 -19.19
CA VAL C 226 -0.57 -4.98 -20.57
C VAL C 226 -1.38 -4.16 -21.58
N ASP C 239 0.49 -13.22 -26.31
CA ASP C 239 -0.68 -14.06 -26.02
C ASP C 239 -0.57 -14.69 -24.63
N LYS C 240 0.66 -14.96 -24.19
CA LYS C 240 0.92 -15.51 -22.87
C LYS C 240 0.44 -14.54 -21.79
N TRP C 241 0.72 -13.25 -22.00
CA TRP C 241 0.27 -12.20 -21.09
C TRP C 241 -1.24 -11.99 -21.14
N ARG C 242 -1.83 -12.07 -22.34
CA ARG C 242 -3.27 -11.91 -22.49
C ARG C 242 -4.02 -12.93 -21.64
N ARG C 243 -3.56 -14.19 -21.67
CA ARG C 243 -4.18 -15.28 -20.91
C ARG C 243 -4.13 -15.12 -19.37
N LYS C 244 -3.23 -14.28 -18.87
CA LYS C 244 -3.14 -14.01 -17.42
C LYS C 244 -4.19 -13.01 -16.93
N VAL C 245 -4.78 -12.25 -17.84
CA VAL C 245 -5.61 -11.10 -17.46
C VAL C 245 -7.01 -11.59 -17.08
N PRO C 246 -7.46 -11.33 -15.84
CA PRO C 246 -8.80 -11.79 -15.43
C PRO C 246 -9.92 -11.35 -16.38
N LEU C 247 -9.91 -10.09 -16.79
CA LEU C 247 -10.88 -9.59 -17.78
C LEU C 247 -10.43 -9.83 -19.22
N GLY C 248 -9.62 -10.89 -19.42
CA GLY C 248 -8.99 -11.24 -20.71
C GLY C 248 -9.93 -11.46 -21.87
N ARG C 249 -11.23 -11.61 -21.59
CA ARG C 249 -12.23 -11.74 -22.68
C ARG C 249 -12.26 -10.47 -23.53
N ARG C 250 -11.99 -9.34 -22.89
CA ARG C 250 -11.88 -8.04 -23.54
C ARG C 250 -10.41 -7.78 -23.94
N GLU C 251 -10.20 -7.37 -25.19
CA GLU C 251 -8.86 -6.96 -25.61
C GLU C 251 -8.49 -5.65 -24.91
N ALA C 252 -7.23 -5.53 -24.47
CA ALA C 252 -6.77 -4.29 -23.89
C ALA C 252 -6.62 -3.27 -25.03
N SER C 253 -7.00 -2.02 -24.77
CA SER C 253 -6.86 -1.02 -25.83
C SER C 253 -6.33 0.31 -25.32
N ALA C 254 -5.67 1.05 -26.20
CA ALA C 254 -5.22 2.39 -25.87
C ALA C 254 -6.42 3.27 -25.50
N GLU C 255 -7.57 3.02 -26.15
CA GLU C 255 -8.76 3.83 -25.87
C GLU C 255 -9.28 3.67 -24.43
N GLN C 256 -9.12 2.47 -23.86
CA GLN C 256 -9.51 2.26 -22.46
C GLN C 256 -8.64 3.09 -21.53
N ILE C 257 -7.35 3.18 -21.86
CA ILE C 257 -6.46 4.04 -21.06
C ILE C 257 -6.89 5.50 -21.19
N ALA C 258 -7.15 5.94 -22.42
CA ALA C 258 -7.59 7.31 -22.68
C ALA C 258 -8.89 7.64 -21.93
N ASP C 259 -9.81 6.66 -21.85
CA ASP C 259 -11.09 6.87 -21.13
C ASP C 259 -10.85 7.27 -19.67
N ALA C 260 -9.85 6.65 -19.04
CA ALA C 260 -9.57 6.96 -17.64
C ALA C 260 -8.94 8.34 -17.51
N VAL C 261 -8.11 8.72 -18.49
CA VAL C 261 -7.52 10.06 -18.55
C VAL C 261 -8.64 11.11 -18.70
N ILE C 262 -9.56 10.86 -19.62
CA ILE C 262 -10.71 11.76 -19.85
C ILE C 262 -11.55 11.96 -18.57
N PHE C 263 -11.83 10.87 -17.87
CA PHE C 263 -12.48 11.00 -16.57
C PHE C 263 -11.72 11.93 -15.62
N LEU C 264 -10.42 11.67 -15.45
CA LEU C 264 -9.65 12.41 -14.49
C LEU C 264 -9.53 13.91 -14.78
N VAL C 265 -9.57 14.29 -16.06
CA VAL C 265 -9.46 15.71 -16.40
C VAL C 265 -10.83 16.42 -16.37
N SER C 266 -11.90 15.62 -16.32
CA SER C 266 -13.27 16.11 -16.42
C SER C 266 -13.76 16.77 -15.13
N GLY C 267 -14.88 17.47 -15.23
CA GLY C 267 -15.55 18.03 -14.05
C GLY C 267 -16.10 16.97 -13.10
N SER C 268 -16.24 15.73 -13.58
CA SER C 268 -16.68 14.59 -12.75
C SER C 268 -15.60 14.08 -11.79
N ALA C 269 -14.39 14.66 -11.88
CA ALA C 269 -13.27 14.28 -11.02
C ALA C 269 -12.72 15.49 -10.24
N GLN C 270 -13.55 16.50 -10.06
CA GLN C 270 -13.05 17.77 -9.47
C GLN C 270 -12.58 17.72 -8.00
N TYR C 271 -12.91 16.65 -7.28
CA TYR C 271 -12.42 16.46 -5.91
C TYR C 271 -11.33 15.40 -5.85
N ILE C 272 -10.92 14.87 -6.99
CA ILE C 272 -9.95 13.78 -7.03
C ILE C 272 -8.56 14.34 -7.30
N THR C 273 -7.66 14.15 -6.35
CA THR C 273 -6.25 14.48 -6.56
C THR C 273 -5.39 13.50 -5.78
N GLY C 274 -4.23 13.17 -6.35
CA GLY C 274 -3.34 12.18 -5.75
C GLY C 274 -3.80 10.74 -5.90
N SER C 275 -4.75 10.50 -6.82
CA SER C 275 -5.27 9.16 -7.04
C SER C 275 -4.68 8.57 -8.29
N ILE C 276 -4.40 7.28 -8.23
CA ILE C 276 -3.92 6.53 -9.38
C ILE C 276 -4.93 5.43 -9.71
N ILE C 277 -5.53 5.52 -10.90
CA ILE C 277 -6.52 4.55 -11.34
C ILE C 277 -5.87 3.44 -12.16
N LYS C 278 -5.92 2.21 -11.66
CA LYS C 278 -5.45 1.05 -12.44
C LYS C 278 -6.43 0.75 -13.54
N VAL C 279 -5.89 0.53 -14.74
CA VAL C 279 -6.67 0.09 -15.89
C VAL C 279 -5.95 -1.12 -16.45
N ASP C 280 -6.13 -2.25 -15.76
CA ASP C 280 -5.29 -3.43 -16.01
C ASP C 280 -6.07 -4.75 -16.15
N GLY C 281 -7.41 -4.66 -16.21
CA GLY C 281 -8.21 -5.88 -16.39
C GLY C 281 -8.08 -6.84 -15.21
N GLY C 282 -7.56 -6.35 -14.08
CA GLY C 282 -7.36 -7.21 -12.90
C GLY C 282 -5.98 -7.87 -12.82
N LEU C 283 -5.11 -7.61 -13.80
CA LEU C 283 -3.82 -8.32 -13.87
C LEU C 283 -3.00 -8.25 -12.58
N SER C 284 -2.95 -7.07 -11.95
CA SER C 284 -2.12 -6.89 -10.75
C SER C 284 -2.63 -7.69 -9.55
N LEU C 285 -3.85 -8.23 -9.64
CA LEU C 285 -4.43 -9.04 -8.56
C LEU C 285 -4.01 -10.51 -8.63
N VAL C 286 -3.35 -10.89 -9.73
CA VAL C 286 -3.10 -12.30 -10.02
C VAL C 286 -1.78 -12.74 -9.41
N HIS C 287 -1.82 -13.70 -8.49
CA HIS C 287 -0.58 -14.22 -7.90
C HIS C 287 0.26 -15.03 -8.91
N ALA C 288 1.54 -15.21 -8.58
CA ALA C 288 2.47 -16.02 -9.39
C ALA C 288 2.00 -17.46 -9.57
N GLU D 22 -33.95 -3.31 -22.67
CA GLU D 22 -34.60 -2.43 -21.65
C GLU D 22 -33.55 -1.54 -20.94
N ALA D 23 -33.99 -0.74 -19.97
CA ALA D 23 -33.08 0.03 -19.13
C ALA D 23 -32.42 -0.91 -18.11
N PRO D 24 -31.12 -0.70 -17.83
CA PRO D 24 -30.48 -1.54 -16.82
C PRO D 24 -31.00 -1.18 -15.43
N ALA D 25 -30.70 -2.02 -14.43
CA ALA D 25 -31.17 -1.84 -13.06
C ALA D 25 -30.02 -1.91 -12.07
N ALA D 26 -30.13 -1.13 -11.00
CA ALA D 26 -29.08 -1.05 -9.98
C ALA D 26 -29.69 -1.18 -8.59
N VAL D 27 -28.97 -1.87 -7.71
CA VAL D 27 -29.28 -1.88 -6.28
C VAL D 27 -28.31 -0.93 -5.61
N VAL D 28 -28.82 0.00 -4.82
CA VAL D 28 -27.96 0.85 -4.00
C VAL D 28 -28.33 0.61 -2.52
N THR D 29 -27.41 0.12 -1.71
CA THR D 29 -27.73 -0.05 -0.28
C THR D 29 -27.60 1.27 0.49
N GLY D 30 -28.41 1.44 1.54
CA GLY D 30 -28.40 2.68 2.33
C GLY D 30 -28.62 3.93 1.48
N ALA D 31 -29.62 3.85 0.60
CA ALA D 31 -29.83 4.85 -0.46
C ALA D 31 -30.83 5.93 -0.11
N ALA D 32 -31.38 5.93 1.11
CA ALA D 32 -32.41 6.92 1.45
C ALA D 32 -31.86 8.32 1.65
N LYS D 33 -30.60 8.41 2.10
CA LYS D 33 -30.03 9.68 2.50
C LYS D 33 -28.59 9.80 2.02
N ARG D 34 -28.07 11.02 2.05
CA ARG D 34 -26.65 11.31 1.95
C ARG D 34 -26.00 10.71 0.69
N ILE D 35 -24.86 10.03 0.84
CA ILE D 35 -24.13 9.58 -0.35
C ILE D 35 -24.93 8.56 -1.16
N GLY D 36 -25.57 7.60 -0.47
CA GLY D 36 -26.34 6.57 -1.20
C GLY D 36 -27.46 7.18 -2.03
N ARG D 37 -28.12 8.19 -1.47
CA ARG D 37 -29.15 8.91 -2.18
C ARG D 37 -28.59 9.58 -3.45
N ALA D 38 -27.43 10.25 -3.32
CA ALA D 38 -26.86 10.91 -4.47
C ALA D 38 -26.46 9.90 -5.53
N ILE D 39 -25.96 8.73 -5.12
CA ILE D 39 -25.65 7.65 -6.06
C ILE D 39 -26.90 7.15 -6.78
N ALA D 40 -27.96 6.86 -6.04
CA ALA D 40 -29.24 6.42 -6.63
C ALA D 40 -29.77 7.44 -7.66
N VAL D 41 -29.77 8.70 -7.27
CA VAL D 41 -30.22 9.78 -8.15
C VAL D 41 -29.40 9.82 -9.44
N LYS D 42 -28.07 9.78 -9.32
CA LYS D 42 -27.23 9.90 -10.52
C LYS D 42 -27.36 8.68 -11.41
N LEU D 43 -27.47 7.48 -10.83
CA LEU D 43 -27.71 6.27 -11.64
C LEU D 43 -29.04 6.41 -12.37
N HIS D 44 -30.06 6.89 -11.66
CA HIS D 44 -31.38 7.11 -12.27
C HIS D 44 -31.29 8.10 -13.44
N GLN D 45 -30.56 9.20 -13.22
CA GLN D 45 -30.37 10.23 -14.26
C GLN D 45 -29.63 9.70 -15.48
N THR D 46 -28.78 8.69 -15.27
CA THR D 46 -28.03 8.02 -16.32
C THR D 46 -28.86 7.02 -17.11
N GLY D 47 -30.05 6.65 -16.61
CA GLY D 47 -30.93 5.71 -17.31
C GLY D 47 -31.24 4.42 -16.56
N TYR D 48 -30.71 4.29 -15.35
CA TYR D 48 -30.94 3.09 -14.54
C TYR D 48 -32.30 3.12 -13.85
N ARG D 49 -32.90 1.93 -13.76
CA ARG D 49 -33.95 1.69 -12.78
C ARG D 49 -33.26 1.31 -11.46
N VAL D 50 -33.80 1.75 -10.33
CA VAL D 50 -33.09 1.62 -9.04
C VAL D 50 -33.91 0.96 -7.94
N VAL D 51 -33.24 0.09 -7.19
CA VAL D 51 -33.74 -0.37 -5.90
C VAL D 51 -33.08 0.47 -4.83
N ILE D 52 -33.91 1.20 -4.11
CA ILE D 52 -33.49 2.03 -3.00
C ILE D 52 -33.61 1.21 -1.72
N HIS D 53 -32.49 0.63 -1.28
CA HIS D 53 -32.49 -0.11 -0.02
C HIS D 53 -32.42 0.84 1.19
N TYR D 54 -33.09 0.49 2.28
CA TYR D 54 -33.00 1.30 3.51
C TYR D 54 -33.19 0.39 4.71
N HIS D 55 -32.85 0.90 5.90
CA HIS D 55 -33.05 0.15 7.13
C HIS D 55 -34.13 0.84 7.97
N ASN D 56 -33.82 2.01 8.51
CA ASN D 56 -34.75 2.78 9.34
C ASN D 56 -35.42 3.96 8.63
N SER D 57 -34.79 4.50 7.58
CA SER D 57 -35.27 5.73 6.95
C SER D 57 -36.36 5.46 5.90
N ALA D 58 -37.52 4.98 6.37
CA ALA D 58 -38.60 4.61 5.46
C ALA D 58 -39.20 5.82 4.73
N GLU D 59 -39.47 6.89 5.47
CA GLU D 59 -40.06 8.09 4.87
C GLU D 59 -39.18 8.66 3.76
N ALA D 60 -37.87 8.80 4.07
CA ALA D 60 -36.88 9.25 3.10
C ALA D 60 -36.78 8.35 1.85
N ALA D 61 -36.79 7.03 2.05
CA ALA D 61 -36.67 6.07 0.94
C ALA D 61 -37.87 6.15 0.00
N VAL D 62 -39.07 6.14 0.59
CA VAL D 62 -40.31 6.24 -0.17
C VAL D 62 -40.41 7.59 -0.88
N SER D 63 -40.04 8.66 -0.18
CA SER D 63 -40.02 10.00 -0.79
C SER D 63 -39.09 10.04 -2.02
N LEU D 64 -37.89 9.47 -1.90
CA LEU D 64 -36.98 9.39 -3.04
C LEU D 64 -37.57 8.59 -4.21
N ALA D 65 -38.11 7.41 -3.91
CA ALA D 65 -38.70 6.55 -4.93
C ALA D 65 -39.83 7.31 -5.67
N ASP D 66 -40.63 8.05 -4.92
CA ASP D 66 -41.72 8.86 -5.49
C ASP D 66 -41.19 9.90 -6.48
N GLU D 67 -40.13 10.60 -6.07
CA GLU D 67 -39.52 11.65 -6.88
C GLU D 67 -38.95 11.04 -8.17
N LEU D 68 -38.27 9.91 -8.06
CA LEU D 68 -37.72 9.24 -9.23
C LEU D 68 -38.81 8.70 -10.15
N ASN D 69 -39.87 8.16 -9.56
CA ASN D 69 -40.99 7.67 -10.37
C ASN D 69 -41.80 8.77 -11.08
N LYS D 70 -41.85 9.96 -10.47
CA LYS D 70 -42.49 11.12 -11.11
C LYS D 70 -41.72 11.43 -12.40
N GLU D 71 -40.40 11.31 -12.33
CA GLU D 71 -39.53 11.55 -13.48
C GLU D 71 -39.72 10.51 -14.60
N ARG D 72 -39.58 9.22 -14.27
CA ARG D 72 -39.89 8.12 -15.19
C ARG D 72 -40.67 7.07 -14.40
N SER D 73 -41.93 6.83 -14.77
CA SER D 73 -42.74 5.85 -14.05
CA SER D 73 -42.75 5.84 -14.06
C SER D 73 -42.13 4.45 -14.07
N ASN D 74 -42.32 3.73 -12.95
CA ASN D 74 -41.90 2.34 -12.82
C ASN D 74 -40.38 2.16 -12.92
N THR D 75 -39.63 3.09 -12.37
CA THR D 75 -38.17 3.00 -12.44
C THR D 75 -37.50 3.00 -11.07
N ALA D 76 -38.29 2.99 -10.00
CA ALA D 76 -37.73 2.99 -8.64
C ALA D 76 -38.62 2.21 -7.69
N VAL D 77 -37.98 1.38 -6.85
CA VAL D 77 -38.67 0.70 -5.75
C VAL D 77 -37.82 0.81 -4.50
N VAL D 78 -38.44 0.61 -3.34
CA VAL D 78 -37.70 0.51 -2.08
C VAL D 78 -37.63 -0.94 -1.62
N CYS D 79 -36.64 -1.23 -0.79
CA CYS D 79 -36.48 -2.55 -0.18
C CYS D 79 -35.90 -2.37 1.22
N GLN D 80 -36.63 -2.80 2.24
CA GLN D 80 -36.16 -2.65 3.61
C GLN D 80 -35.33 -3.87 4.04
N ALA D 81 -34.17 -3.64 4.68
CA ALA D 81 -33.40 -4.73 5.28
C ALA D 81 -32.41 -4.24 6.31
N ASP D 82 -32.29 -4.99 7.40
CA ASP D 82 -31.23 -4.80 8.39
C ASP D 82 -30.01 -5.54 7.87
N LEU D 83 -28.87 -4.85 7.80
CA LEU D 83 -27.64 -5.46 7.29
C LEU D 83 -26.64 -5.84 8.39
N THR D 84 -27.10 -5.79 9.64
CA THR D 84 -26.34 -6.31 10.78
C THR D 84 -26.10 -7.80 10.55
N ASN D 85 -24.91 -8.30 10.91
CA ASN D 85 -24.66 -9.73 10.79
C ASN D 85 -25.55 -10.56 11.71
N SER D 86 -26.05 -11.68 11.18
CA SER D 86 -26.85 -12.66 11.92
C SER D 86 -27.02 -13.88 11.05
N ASN D 87 -27.61 -14.94 11.58
CA ASN D 87 -27.83 -16.12 10.77
C ASN D 87 -28.85 -15.93 9.66
N VAL D 88 -29.63 -14.83 9.72
CA VAL D 88 -30.58 -14.51 8.63
C VAL D 88 -30.07 -13.43 7.66
N LEU D 89 -28.89 -12.87 7.92
CA LEU D 89 -28.34 -11.91 6.97
C LEU D 89 -28.24 -12.44 5.52
N PRO D 90 -27.85 -13.72 5.33
CA PRO D 90 -27.81 -14.19 3.94
C PRO D 90 -29.18 -14.14 3.24
N ALA D 91 -30.24 -14.46 3.97
CA ALA D 91 -31.58 -14.38 3.41
C ALA D 91 -31.96 -12.93 3.09
N SER D 92 -31.61 -12.00 3.97
CA SER D 92 -31.88 -10.57 3.74
C SER D 92 -31.16 -10.07 2.50
N CYS D 93 -29.90 -10.49 2.34
CA CYS D 93 -29.13 -10.03 1.18
C CYS D 93 -29.67 -10.69 -0.11
N GLU D 94 -30.03 -11.96 -0.03
CA GLU D 94 -30.68 -12.63 -1.15
C GLU D 94 -31.96 -11.87 -1.54
N GLU D 95 -32.71 -11.42 -0.54
CA GLU D 95 -33.97 -10.71 -0.78
C GLU D 95 -33.76 -9.35 -1.48
N ILE D 96 -32.72 -8.62 -1.09
CA ILE D 96 -32.40 -7.35 -1.74
C ILE D 96 -32.16 -7.55 -3.24
N ILE D 97 -31.35 -8.56 -3.58
CA ILE D 97 -31.09 -8.86 -5.00
C ILE D 97 -32.38 -9.33 -5.67
N ASN D 98 -33.10 -10.24 -5.02
CA ASN D 98 -34.38 -10.71 -5.54
C ASN D 98 -35.36 -9.58 -5.84
N SER D 99 -35.37 -8.53 -5.00
CA SER D 99 -36.28 -7.40 -5.18
CA SER D 99 -36.30 -7.43 -5.20
C SER D 99 -36.03 -6.67 -6.50
N CYS D 100 -34.76 -6.58 -6.87
CA CYS D 100 -34.40 -5.95 -8.14
C CYS D 100 -34.88 -6.79 -9.32
N PHE D 101 -34.68 -8.10 -9.26
CA PHE D 101 -35.20 -8.99 -10.31
C PHE D 101 -36.74 -8.97 -10.36
N ARG D 102 -37.38 -8.90 -9.18
CA ARG D 102 -38.84 -8.90 -9.16
C ARG D 102 -39.41 -7.63 -9.81
N ALA D 103 -38.81 -6.48 -9.49
CA ALA D 103 -39.29 -5.20 -10.00
C ALA D 103 -38.92 -4.99 -11.47
N PHE D 104 -37.69 -5.39 -11.85
CA PHE D 104 -37.11 -4.93 -13.12
C PHE D 104 -36.66 -6.05 -14.06
N GLY D 105 -36.62 -7.29 -13.57
CA GLY D 105 -36.31 -8.47 -14.39
C GLY D 105 -34.83 -8.67 -14.67
N ARG D 106 -33.99 -7.86 -14.02
CA ARG D 106 -32.52 -7.89 -14.20
C ARG D 106 -31.87 -7.15 -13.07
N CYS D 107 -30.57 -7.36 -12.90
CA CYS D 107 -29.81 -6.60 -11.92
C CYS D 107 -28.40 -6.47 -12.45
N ASP D 108 -28.08 -5.25 -12.89
CA ASP D 108 -26.82 -4.98 -13.61
C ASP D 108 -25.73 -4.43 -12.72
N VAL D 109 -26.13 -3.67 -11.69
CA VAL D 109 -25.19 -2.96 -10.85
C VAL D 109 -25.57 -3.15 -9.39
N LEU D 110 -24.57 -3.43 -8.56
CA LEU D 110 -24.74 -3.42 -7.11
C LEU D 110 -23.80 -2.38 -6.53
N VAL D 111 -24.34 -1.45 -5.75
CA VAL D 111 -23.51 -0.48 -5.04
C VAL D 111 -23.64 -0.77 -3.54
N ASN D 112 -22.53 -1.19 -2.92
CA ASN D 112 -22.48 -1.45 -1.49
C ASN D 112 -22.08 -0.18 -0.76
N ASN D 113 -23.09 0.59 -0.38
CA ASN D 113 -22.92 1.90 0.21
C ASN D 113 -23.27 1.94 1.70
N ALA D 114 -24.24 1.12 2.13
CA ALA D 114 -24.66 1.16 3.53
C ALA D 114 -23.50 0.94 4.50
N SER D 115 -23.52 1.66 5.62
CA SER D 115 -22.43 1.56 6.59
CA SER D 115 -22.42 1.55 6.59
C SER D 115 -22.83 1.97 7.99
N ALA D 116 -22.36 1.21 8.98
CA ALA D 116 -22.39 1.64 10.35
C ALA D 116 -21.03 2.29 10.65
N PHE D 117 -21.04 3.37 11.46
CA PHE D 117 -19.84 4.13 11.77
C PHE D 117 -19.96 4.71 13.17
N TYR D 118 -19.13 4.20 14.08
CA TYR D 118 -19.07 4.73 15.45
C TYR D 118 -17.86 4.13 16.16
N PRO D 119 -17.37 4.80 17.23
CA PRO D 119 -16.17 4.30 17.87
C PRO D 119 -16.41 3.04 18.69
N THR D 120 -15.37 2.22 18.79
CA THR D 120 -15.37 1.00 19.59
C THR D 120 -14.02 0.93 20.31
N PRO D 121 -13.84 1.72 21.41
CA PRO D 121 -12.51 1.76 22.04
C PRO D 121 -12.04 0.40 22.55
N LEU D 122 -10.73 0.17 22.49
CA LEU D 122 -10.15 -1.09 22.96
C LEU D 122 -10.08 -1.16 24.47
N VAL D 123 -9.99 0.00 25.13
CA VAL D 123 -9.85 0.07 26.61
C VAL D 123 -10.95 0.89 27.26
N GLY D 133 -24.25 2.03 24.52
CA GLY D 133 -24.79 0.99 25.38
C GLY D 133 -25.01 -0.36 24.69
N LYS D 134 -24.20 -0.65 23.67
CA LYS D 134 -24.28 -1.91 22.93
C LYS D 134 -23.24 -2.89 23.43
N THR D 135 -23.55 -4.19 23.38
CA THR D 135 -22.59 -5.22 23.75
C THR D 135 -21.52 -5.27 22.65
N VAL D 136 -20.36 -5.80 22.99
CA VAL D 136 -19.30 -5.95 21.99
C VAL D 136 -19.75 -6.83 20.81
N GLU D 137 -20.52 -7.90 21.06
CA GLU D 137 -20.90 -8.73 19.91
CA GLU D 137 -21.01 -8.77 19.98
C GLU D 137 -21.91 -8.00 19.00
N THR D 138 -22.72 -7.09 19.55
CA THR D 138 -23.58 -6.21 18.72
C THR D 138 -22.73 -5.26 17.86
N GLN D 139 -21.69 -4.66 18.46
CA GLN D 139 -20.82 -3.77 17.70
CA GLN D 139 -20.77 -3.77 17.74
C GLN D 139 -20.12 -4.53 16.57
N VAL D 140 -19.65 -5.73 16.86
CA VAL D 140 -19.08 -6.59 15.82
C VAL D 140 -20.11 -6.86 14.71
N ALA D 141 -21.31 -7.28 15.11
CA ALA D 141 -22.36 -7.59 14.15
C ALA D 141 -22.73 -6.39 13.27
N GLU D 142 -22.78 -5.20 13.87
CA GLU D 142 -23.15 -4.01 13.12
C GLU D 142 -22.02 -3.50 12.23
N LEU D 143 -20.83 -3.31 12.82
CA LEU D 143 -19.73 -2.71 12.07
C LEU D 143 -19.12 -3.68 11.04
N ILE D 144 -18.89 -4.93 11.41
CA ILE D 144 -18.37 -5.93 10.45
C ILE D 144 -19.48 -6.43 9.52
N GLY D 145 -20.68 -6.63 10.04
CA GLY D 145 -21.82 -7.04 9.19
C GLY D 145 -22.14 -6.05 8.06
N THR D 146 -22.43 -4.79 8.42
CA THR D 146 -22.82 -3.79 7.40
C THR D 146 -21.69 -3.45 6.46
N ASN D 147 -20.46 -3.33 6.99
CA ASN D 147 -19.34 -2.85 6.18
CA ASN D 147 -19.38 -2.82 6.17
C ASN D 147 -18.68 -3.92 5.36
N ALA D 148 -18.85 -5.18 5.77
CA ALA D 148 -18.12 -6.24 5.10
C ALA D 148 -18.91 -7.49 4.78
N ILE D 149 -19.61 -8.04 5.76
CA ILE D 149 -20.29 -9.32 5.56
CA ILE D 149 -20.25 -9.33 5.50
C ILE D 149 -21.47 -9.14 4.59
N ALA D 150 -22.26 -8.09 4.82
CA ALA D 150 -23.40 -7.82 3.91
C ALA D 150 -22.90 -7.59 2.46
N PRO D 151 -21.84 -6.78 2.26
CA PRO D 151 -21.33 -6.68 0.87
C PRO D 151 -20.93 -8.02 0.29
N PHE D 152 -20.33 -8.88 1.11
CA PHE D 152 -19.96 -10.22 0.63
C PHE D 152 -21.17 -11.04 0.21
N LEU D 153 -22.19 -11.09 1.07
CA LEU D 153 -23.40 -11.87 0.80
C LEU D 153 -24.19 -11.30 -0.40
N LEU D 154 -24.26 -9.97 -0.48
CA LEU D 154 -24.88 -9.29 -1.64
C LEU D 154 -24.15 -9.60 -2.94
N THR D 155 -22.82 -9.65 -2.87
CA THR D 155 -21.99 -10.06 -4.00
C THR D 155 -22.27 -11.49 -4.43
N MET D 156 -22.34 -12.41 -3.45
CA MET D 156 -22.70 -13.81 -3.71
CA MET D 156 -22.69 -13.80 -3.73
C MET D 156 -24.04 -13.90 -4.43
N SER D 157 -25.05 -13.21 -3.86
CA SER D 157 -26.41 -13.28 -4.41
C SER D 157 -26.48 -12.65 -5.81
N PHE D 158 -25.83 -11.50 -5.98
CA PHE D 158 -25.74 -10.83 -7.28
C PHE D 158 -25.14 -11.77 -8.32
N ALA D 159 -24.01 -12.38 -8.01
CA ALA D 159 -23.33 -13.26 -8.96
C ALA D 159 -24.15 -14.51 -9.28
N GLN D 160 -24.76 -15.11 -8.25
CA GLN D 160 -25.52 -16.36 -8.40
C GLN D 160 -26.74 -16.14 -9.29
N ARG D 161 -27.36 -14.97 -9.17
CA ARG D 161 -28.57 -14.65 -9.96
C ARG D 161 -28.25 -14.40 -11.44
N GLN D 162 -27.02 -13.97 -11.73
CA GLN D 162 -26.55 -13.86 -13.13
C GLN D 162 -26.28 -15.25 -13.70
N SER D 172 -24.13 -6.27 -22.30
CA SER D 172 -24.28 -6.12 -20.85
C SER D 172 -22.99 -5.63 -20.20
N ASN D 173 -23.13 -4.92 -19.10
CA ASN D 173 -22.02 -4.32 -18.41
C ASN D 173 -22.31 -4.42 -16.91
N LEU D 174 -22.00 -5.60 -16.38
CA LEU D 174 -22.30 -5.91 -14.99
C LEU D 174 -21.17 -5.44 -14.09
N SER D 175 -21.50 -4.77 -12.99
CA SER D 175 -20.45 -4.41 -12.04
C SER D 175 -20.96 -4.12 -10.63
N ILE D 176 -20.01 -4.15 -9.71
CA ILE D 176 -20.24 -3.89 -8.33
C ILE D 176 -19.31 -2.76 -7.93
N VAL D 177 -19.81 -1.82 -7.14
CA VAL D 177 -18.99 -0.74 -6.60
C VAL D 177 -19.13 -0.73 -5.08
N ASN D 178 -18.00 -0.90 -4.39
CA ASN D 178 -17.96 -0.86 -2.92
C ASN D 178 -17.52 0.49 -2.40
N LEU D 179 -18.24 1.06 -1.44
CA LEU D 179 -17.84 2.32 -0.81
C LEU D 179 -16.82 2.02 0.28
N CYS D 180 -15.58 2.34 -0.03
CA CYS D 180 -14.43 2.07 0.82
C CYS D 180 -14.11 3.32 1.64
N ASP D 181 -12.86 3.48 2.08
CA ASP D 181 -12.50 4.62 2.91
C ASP D 181 -11.06 5.00 2.58
N ALA D 182 -10.83 6.22 2.11
CA ALA D 182 -9.47 6.64 1.72
C ALA D 182 -8.49 6.66 2.88
N MET D 183 -9.03 6.69 4.10
CA MET D 183 -8.22 6.82 5.30
C MET D 183 -8.00 5.49 6.03
N VAL D 184 -8.18 4.38 5.32
CA VAL D 184 -8.13 3.05 5.93
C VAL D 184 -6.76 2.73 6.57
N ASP D 185 -5.69 3.35 6.06
CA ASP D 185 -4.34 3.18 6.62
C ASP D 185 -3.92 4.28 7.59
N GLN D 186 -4.79 5.26 7.79
CA GLN D 186 -4.55 6.33 8.78
C GLN D 186 -5.85 6.51 9.55
N PRO D 187 -6.23 5.49 10.32
CA PRO D 187 -7.60 5.46 10.86
C PRO D 187 -7.86 6.41 12.02
N CSX D 188 -9.14 6.69 12.24
CA CSX D 188 -9.55 7.51 13.37
CB CSX D 188 -11.05 7.79 13.26
SG CSX D 188 -11.40 8.84 11.96
C CSX D 188 -9.27 6.73 14.63
O CSX D 188 -9.46 5.52 14.69
OD CSX D 188 -10.76 10.08 12.43
N MET D 189 -8.82 7.44 15.66
CA MET D 189 -8.57 6.86 16.97
C MET D 189 -9.82 6.19 17.53
N ALA D 190 -9.68 4.94 18.00
CA ALA D 190 -10.76 4.20 18.66
C ALA D 190 -11.85 3.67 17.72
N PHE D 191 -11.54 3.59 16.42
CA PHE D 191 -12.46 3.08 15.41
C PHE D 191 -11.99 1.74 14.87
N SER D 192 -11.45 0.86 15.74
CA SER D 192 -10.87 -0.38 15.23
CA SER D 192 -10.89 -0.42 15.29
C SER D 192 -11.87 -1.26 14.46
N LEU D 193 -13.08 -1.47 14.99
CA LEU D 193 -14.00 -2.35 14.26
C LEU D 193 -14.46 -1.80 12.92
N TYR D 194 -14.77 -0.51 12.87
CA TYR D 194 -15.06 0.17 11.62
C TYR D 194 -13.90 -0.02 10.63
N ASN D 195 -12.69 0.22 11.10
CA ASN D 195 -11.54 0.16 10.21
C ASN D 195 -11.30 -1.27 9.74
N MET D 196 -11.49 -2.24 10.64
CA MET D 196 -11.40 -3.66 10.25
C MET D 196 -12.40 -3.98 9.14
N GLY D 197 -13.62 -3.48 9.31
CA GLY D 197 -14.67 -3.72 8.30
C GLY D 197 -14.33 -3.13 6.94
N LYS D 198 -13.81 -1.90 6.93
CA LYS D 198 -13.41 -1.26 5.66
C LYS D 198 -12.19 -1.93 5.04
N HIS D 199 -11.23 -2.38 5.86
CA HIS D 199 -10.14 -3.20 5.32
C HIS D 199 -10.67 -4.47 4.69
N ALA D 200 -11.59 -5.14 5.39
CA ALA D 200 -12.15 -6.36 4.84
C ALA D 200 -12.86 -6.08 3.50
N LEU D 201 -13.48 -4.91 3.36
CA LEU D 201 -14.16 -4.54 2.11
C LEU D 201 -13.17 -4.36 0.95
N VAL D 202 -11.95 -3.90 1.25
CA VAL D 202 -10.88 -3.84 0.23
C VAL D 202 -10.57 -5.26 -0.23
N GLY D 203 -10.41 -6.18 0.75
CA GLY D 203 -10.15 -7.57 0.41
C GLY D 203 -11.25 -8.18 -0.44
N LEU D 204 -12.50 -7.88 -0.10
CA LEU D 204 -13.63 -8.39 -0.90
C LEU D 204 -13.56 -7.83 -2.32
N THR D 205 -13.28 -6.54 -2.43
CA THR D 205 -13.21 -5.90 -3.75
C THR D 205 -12.19 -6.63 -4.64
N GLN D 206 -11.00 -6.91 -4.08
CA GLN D 206 -9.97 -7.59 -4.85
CA GLN D 206 -9.93 -7.62 -4.81
C GLN D 206 -10.30 -9.07 -5.12
N SER D 207 -10.75 -9.80 -4.09
CA SER D 207 -11.10 -11.20 -4.25
C SER D 207 -12.24 -11.41 -5.24
N ALA D 208 -13.28 -10.59 -5.13
CA ALA D 208 -14.44 -10.73 -6.02
C ALA D 208 -14.09 -10.27 -7.45
N ALA D 209 -13.25 -9.24 -7.57
CA ALA D 209 -12.80 -8.84 -8.92
C ALA D 209 -12.14 -10.02 -9.61
N LEU D 210 -11.25 -10.69 -8.88
CA LEU D 210 -10.55 -11.85 -9.42
CA LEU D 210 -10.56 -11.87 -9.44
C LEU D 210 -11.52 -12.98 -9.82
N GLU D 211 -12.39 -13.35 -8.89
CA GLU D 211 -13.24 -14.53 -9.06
C GLU D 211 -14.39 -14.34 -10.04
N LEU D 212 -14.88 -13.10 -10.14
CA LEU D 212 -16.05 -12.80 -10.99
C LEU D 212 -15.71 -12.30 -12.39
N ALA D 213 -14.43 -11.99 -12.62
CA ALA D 213 -13.98 -11.55 -13.93
C ALA D 213 -14.38 -12.50 -15.08
N PRO D 214 -14.25 -13.83 -14.88
CA PRO D 214 -14.68 -14.69 -16.01
C PRO D 214 -16.20 -14.68 -16.29
N TYR D 215 -17.00 -14.12 -15.37
CA TYR D 215 -18.45 -13.97 -15.60
C TYR D 215 -18.78 -12.58 -16.16
N GLY D 216 -17.74 -11.79 -16.42
CA GLY D 216 -17.90 -10.44 -16.96
C GLY D 216 -18.40 -9.42 -15.94
N ILE D 217 -18.23 -9.74 -14.66
CA ILE D 217 -18.63 -8.83 -13.60
C ILE D 217 -17.39 -8.12 -13.07
N ARG D 218 -17.36 -6.78 -13.18
CA ARG D 218 -16.25 -5.99 -12.66
C ARG D 218 -16.58 -5.62 -11.23
N VAL D 219 -15.55 -5.50 -10.39
CA VAL D 219 -15.76 -5.13 -8.98
C VAL D 219 -14.72 -4.08 -8.63
N ASN D 220 -15.18 -2.90 -8.22
CA ASN D 220 -14.31 -1.76 -7.93
C ASN D 220 -14.77 -1.03 -6.68
N GLY D 221 -13.99 -0.04 -6.24
CA GLY D 221 -14.32 0.73 -5.06
C GLY D 221 -14.19 2.21 -5.29
N VAL D 222 -14.91 2.98 -4.49
CA VAL D 222 -14.77 4.42 -4.41
C VAL D 222 -14.49 4.70 -2.94
N ALA D 223 -13.41 5.42 -2.68
CA ALA D 223 -12.93 5.66 -1.31
C ALA D 223 -12.97 7.14 -0.95
N PRO D 224 -14.06 7.59 -0.28
CA PRO D 224 -14.11 8.97 0.18
C PRO D 224 -13.12 9.24 1.31
N GLY D 225 -12.68 10.49 1.44
CA GLY D 225 -11.89 10.90 2.59
C GLY D 225 -12.86 11.45 3.61
N VAL D 226 -12.98 12.78 3.64
CA VAL D 226 -14.03 13.46 4.38
CA VAL D 226 -14.07 13.39 4.37
C VAL D 226 -15.09 13.88 3.35
N SER D 227 -16.31 13.36 3.50
CA SER D 227 -17.42 13.76 2.65
C SER D 227 -18.45 14.26 3.64
N LEU D 228 -19.73 13.98 3.41
CA LEU D 228 -20.80 14.47 4.30
C LEU D 228 -20.54 14.07 5.76
N LEU D 229 -20.33 15.08 6.59
CA LEU D 229 -19.92 14.87 7.98
C LEU D 229 -21.11 14.45 8.83
N PRO D 230 -20.85 13.78 9.98
CA PRO D 230 -21.96 13.32 10.84
C PRO D 230 -22.90 14.46 11.21
N VAL D 231 -24.20 14.19 11.14
CA VAL D 231 -25.24 15.16 11.54
C VAL D 231 -24.99 15.72 12.95
N ALA D 232 -24.60 14.83 13.87
CA ALA D 232 -24.39 15.19 15.28
C ALA D 232 -23.21 16.13 15.53
N MET D 233 -22.30 16.24 14.56
CA MET D 233 -21.08 17.02 14.72
C MET D 233 -21.27 18.52 14.75
N GLY D 234 -20.62 19.18 15.69
CA GLY D 234 -20.59 20.64 15.78
C GLY D 234 -19.87 21.27 14.60
N GLU D 235 -20.19 22.54 14.33
CA GLU D 235 -19.63 23.26 13.18
C GLU D 235 -18.11 23.52 13.31
N GLU D 236 -17.67 23.84 14.53
CA GLU D 236 -16.25 24.07 14.81
C GLU D 236 -15.40 22.82 14.52
N GLU D 237 -15.91 21.66 14.95
CA GLU D 237 -15.24 20.38 14.67
C GLU D 237 -15.27 20.03 13.18
N LYS D 238 -16.40 20.32 12.51
CA LYS D 238 -16.52 20.13 11.05
C LYS D 238 -15.48 20.97 10.31
N ASP D 239 -15.34 22.23 10.72
CA ASP D 239 -14.35 23.13 10.14
C ASP D 239 -12.91 22.68 10.37
N LYS D 240 -12.64 22.10 11.54
CA LYS D 240 -11.34 21.47 11.85
C LYS D 240 -10.96 20.46 10.77
N TRP D 241 -11.92 19.60 10.42
CA TRP D 241 -11.67 18.57 9.40
C TRP D 241 -11.60 19.15 8.00
N ARG D 242 -12.51 20.07 7.70
CA ARG D 242 -12.45 20.76 6.39
C ARG D 242 -11.09 21.37 6.11
N ARG D 243 -10.50 22.01 7.12
CA ARG D 243 -9.21 22.70 6.98
C ARG D 243 -8.02 21.78 6.64
N LYS D 244 -8.18 20.48 6.89
CA LYS D 244 -7.12 19.50 6.59
C LYS D 244 -7.01 19.12 5.11
N VAL D 245 -8.07 19.38 4.34
CA VAL D 245 -8.17 18.87 2.96
C VAL D 245 -7.41 19.81 2.01
N PRO D 246 -6.35 19.31 1.36
CA PRO D 246 -5.57 20.20 0.47
C PRO D 246 -6.36 20.86 -0.64
N LEU D 247 -7.25 20.10 -1.26
CA LEU D 247 -7.99 20.60 -2.43
C LEU D 247 -9.26 21.28 -1.99
N GLY D 248 -9.18 22.59 -1.75
CA GLY D 248 -10.36 23.39 -1.48
C GLY D 248 -10.71 23.58 -0.02
N ARG D 249 -10.02 22.87 0.90
CA ARG D 249 -10.32 22.97 2.34
C ARG D 249 -11.83 22.78 2.61
N ARG D 250 -12.39 21.75 1.97
CA ARG D 250 -13.81 21.43 2.11
C ARG D 250 -13.96 19.93 1.96
N GLU D 251 -15.04 19.39 2.54
CA GLU D 251 -15.43 17.99 2.34
C GLU D 251 -15.98 17.74 0.93
N ALA D 252 -15.94 16.48 0.48
CA ALA D 252 -16.59 16.08 -0.78
C ALA D 252 -18.09 16.21 -0.66
N SER D 253 -18.73 16.73 -1.70
CA SER D 253 -20.18 16.63 -1.80
C SER D 253 -20.55 15.16 -2.12
N ALA D 254 -21.78 14.80 -1.80
CA ALA D 254 -22.30 13.48 -2.16
C ALA D 254 -22.24 13.27 -3.66
N GLU D 255 -22.53 14.34 -4.42
CA GLU D 255 -22.51 14.30 -5.87
C GLU D 255 -21.12 13.95 -6.44
N GLN D 256 -20.06 14.45 -5.80
CA GLN D 256 -18.70 14.16 -6.23
C GLN D 256 -18.36 12.70 -6.00
N ILE D 257 -18.83 12.14 -4.88
CA ILE D 257 -18.61 10.71 -4.64
C ILE D 257 -19.37 9.91 -5.70
N ALA D 258 -20.64 10.28 -5.91
CA ALA D 258 -21.48 9.62 -6.93
C ALA D 258 -20.86 9.66 -8.32
N ASP D 259 -20.19 10.77 -8.68
CA ASP D 259 -19.56 10.87 -9.99
C ASP D 259 -18.55 9.75 -10.22
N ALA D 260 -17.79 9.37 -9.19
CA ALA D 260 -16.80 8.29 -9.37
C ALA D 260 -17.50 6.94 -9.52
N VAL D 261 -18.63 6.75 -8.81
CA VAL D 261 -19.40 5.53 -8.98
C VAL D 261 -19.93 5.43 -10.42
N ILE D 262 -20.49 6.53 -10.92
CA ILE D 262 -21.00 6.60 -12.30
C ILE D 262 -19.91 6.23 -13.32
N PHE D 263 -18.71 6.74 -13.10
CA PHE D 263 -17.62 6.37 -14.00
C PHE D 263 -17.35 4.86 -13.97
N LEU D 264 -17.24 4.28 -12.77
CA LEU D 264 -16.88 2.87 -12.68
C LEU D 264 -17.93 1.91 -13.23
N VAL D 265 -19.20 2.31 -13.20
CA VAL D 265 -20.24 1.45 -13.77
C VAL D 265 -20.40 1.63 -15.27
N SER D 266 -19.82 2.73 -15.79
CA SER D 266 -19.97 3.10 -17.21
C SER D 266 -19.18 2.25 -18.20
N GLY D 267 -19.53 2.38 -19.48
CA GLY D 267 -18.79 1.77 -20.57
C GLY D 267 -17.35 2.29 -20.74
N SER D 268 -17.05 3.42 -20.10
CA SER D 268 -15.70 3.99 -20.09
C SER D 268 -14.75 3.32 -19.08
N ALA D 269 -15.25 2.31 -18.35
CA ALA D 269 -14.45 1.62 -17.33
C ALA D 269 -14.44 0.11 -17.55
N GLN D 270 -14.70 -0.33 -18.79
CA GLN D 270 -14.89 -1.75 -19.06
C GLN D 270 -13.65 -2.64 -18.89
N TYR D 271 -12.47 -2.02 -18.77
CA TYR D 271 -11.25 -2.79 -18.51
C TYR D 271 -10.76 -2.55 -17.06
N ILE D 272 -11.58 -1.87 -16.26
CA ILE D 272 -11.20 -1.58 -14.89
C ILE D 272 -11.89 -2.58 -13.95
N THR D 273 -11.09 -3.36 -13.24
CA THR D 273 -11.62 -4.20 -12.17
C THR D 273 -10.57 -4.33 -11.08
N GLY D 274 -11.03 -4.41 -9.83
CA GLY D 274 -10.11 -4.49 -8.69
C GLY D 274 -9.47 -3.16 -8.32
N SER D 275 -9.99 -2.06 -8.86
CA SER D 275 -9.45 -0.73 -8.59
C SER D 275 -10.27 0.03 -7.57
N ILE D 276 -9.60 0.77 -6.70
CA ILE D 276 -10.26 1.63 -5.74
C ILE D 276 -9.85 3.07 -5.99
N ILE D 277 -10.84 3.89 -6.35
CA ILE D 277 -10.60 5.30 -6.67
C ILE D 277 -10.80 6.17 -5.43
N LYS D 278 -9.74 6.79 -4.92
CA LYS D 278 -9.88 7.78 -3.84
C LYS D 278 -10.54 9.03 -4.37
N VAL D 279 -11.51 9.51 -3.62
CA VAL D 279 -12.15 10.78 -3.90
C VAL D 279 -12.04 11.57 -2.61
N ASP D 280 -10.82 12.07 -2.36
CA ASP D 280 -10.49 12.59 -1.02
C ASP D 280 -9.83 13.97 -1.00
N GLY D 281 -9.74 14.65 -2.14
CA GLY D 281 -9.16 16.00 -2.15
C GLY D 281 -7.71 16.05 -1.65
N GLY D 282 -7.04 14.90 -1.66
CA GLY D 282 -5.66 14.82 -1.21
C GLY D 282 -5.49 14.54 0.27
N LEU D 283 -6.58 14.35 1.00
CA LEU D 283 -6.52 14.22 2.46
C LEU D 283 -5.57 13.11 2.92
N SER D 284 -5.61 11.96 2.25
CA SER D 284 -4.80 10.80 2.61
C SER D 284 -3.30 11.04 2.38
N LEU D 285 -2.93 12.10 1.65
CA LEU D 285 -1.53 12.43 1.41
C LEU D 285 -0.91 13.31 2.49
N VAL D 286 -1.72 13.78 3.44
CA VAL D 286 -1.30 14.79 4.42
C VAL D 286 -0.74 14.12 5.67
N HIS D 287 0.53 14.36 5.98
CA HIS D 287 1.14 13.80 7.19
C HIS D 287 0.55 14.43 8.47
N ALA D 288 0.80 13.78 9.60
CA ALA D 288 0.33 14.21 10.93
C ALA D 288 0.81 15.62 11.23
PA NAP E . 21.97 12.34 6.84
O1A NAP E . 22.73 12.70 8.09
O2A NAP E . 20.97 13.33 6.27
O5B NAP E . 22.95 11.91 5.64
C5B NAP E . 23.85 10.85 5.86
C4B NAP E . 25.11 11.07 5.03
O4B NAP E . 24.80 11.05 3.63
C3B NAP E . 25.77 12.40 5.25
O3B NAP E . 26.57 12.41 6.45
C2B NAP E . 26.60 12.57 3.98
O2B NAP E . 27.99 12.24 4.19
C1B NAP E . 25.95 11.57 3.00
N9A NAP E . 25.70 12.30 1.75
C8A NAP E . 24.88 13.35 1.56
N7A NAP E . 25.02 13.81 0.27
C5A NAP E . 25.97 13.04 -0.32
C6A NAP E . 26.62 12.96 -1.65
N6A NAP E . 26.27 13.83 -2.63
N1A NAP E . 27.56 11.99 -1.85
C2A NAP E . 27.90 11.11 -0.86
N3A NAP E . 27.35 11.12 0.37
C4A NAP E . 26.40 12.05 0.67
O3 NAP E . 21.20 10.94 7.09
PN NAP E . 20.44 10.48 8.46
O1N NAP E . 21.47 9.86 9.36
O2N NAP E . 19.59 11.61 9.03
O5D NAP E . 19.46 9.35 7.87
C5D NAP E . 19.98 8.08 7.44
C4D NAP E . 19.12 7.49 6.32
O4D NAP E . 17.79 7.35 6.84
C3D NAP E . 19.02 8.37 5.09
O3D NAP E . 18.95 7.55 3.92
C2D NAP E . 17.71 9.12 5.28
O2D NAP E . 17.12 9.57 4.04
C1D NAP E . 16.86 8.07 6.02
N1N NAP E . 15.84 8.74 6.85
C2N NAP E . 16.18 9.51 7.91
C3N NAP E . 15.22 10.20 8.66
C7N NAP E . 15.60 11.05 9.84
O7N NAP E . 14.70 11.45 10.59
N7N NAP E . 16.89 11.32 10.06
C4N NAP E . 13.88 10.07 8.29
C5N NAP E . 13.55 9.27 7.18
C6N NAP E . 14.55 8.63 6.45
P2B NAP E . 29.12 13.32 4.61
O1X NAP E . 30.38 12.46 4.71
O2X NAP E . 28.66 13.90 5.94
O3X NAP E . 29.20 14.38 3.53
OAO CC6 F . 11.66 13.55 7.11
CAI CC6 F . 12.99 13.79 7.35
CAH CC6 F . 13.94 13.07 6.64
OAN CC6 F . 13.57 12.28 5.77
CAE CC6 F . 15.30 13.35 6.85
CAD CC6 F . 16.31 12.75 6.10
OAL CC6 F . 15.93 11.84 5.16
CAC CC6 F . 17.66 13.06 6.31
CAB CC6 F . 17.99 14.01 7.28
OAM CC6 F . 19.28 14.36 7.51
CAA CC6 F . 16.99 14.62 8.03
CAF CC6 F . 15.67 14.30 7.80
OAG CC6 F . 14.70 14.92 8.54
CAJ CC6 F . 13.36 14.70 8.34
CAK CC6 F . 12.52 15.53 9.08
CAP CC6 F . 12.99 16.83 9.31
CAT CC6 F . 12.23 17.74 10.05
CAS CC6 F . 10.98 17.36 10.53
CAR CC6 F . 10.49 16.07 10.30
CAQ CC6 F . 11.26 15.17 9.57
OAU CC6 F . 10.80 13.92 9.32
C ACT G . 27.61 11.08 15.30
O ACT G . 27.26 10.04 15.87
OXT ACT G . 26.80 11.76 14.61
CH3 ACT G . 29.02 11.56 15.47
C ACT H . 19.00 -10.07 15.46
O ACT H . 20.14 -9.87 15.94
OXT ACT H . 18.07 -9.23 15.50
CH3 ACT H . 18.76 -11.40 14.82
C1 GOL I . 17.88 17.16 21.29
O1 GOL I . 17.18 18.08 20.43
C2 GOL I . 18.19 17.81 22.63
O2 GOL I . 18.38 19.22 22.44
C3 GOL I . 17.05 17.61 23.61
O3 GOL I . 17.14 16.33 24.25
PA NAP J . -2.78 -23.61 10.74
O1A NAP J . -2.01 -24.89 10.97
O2A NAP J . -3.71 -23.47 9.55
O5B NAP J . -3.69 -23.24 12.01
C5B NAP J . -3.10 -22.96 13.27
C4B NAP J . -4.07 -23.40 14.36
O4B NAP J . -5.22 -22.56 14.35
C3B NAP J . -4.64 -24.82 14.22
O3B NAP J . -3.74 -25.80 14.73
C2B NAP J . -5.93 -24.71 15.05
O2B NAP J . -5.77 -25.28 16.36
C1B NAP J . -6.15 -23.20 15.17
N9A NAP J . -7.55 -22.94 14.77
C8A NAP J . -8.14 -23.16 13.57
N7A NAP J . -9.48 -22.91 13.64
C5A NAP J . -9.74 -22.53 14.92
C6A NAP J . -10.94 -22.15 15.71
N6A NAP J . -12.17 -22.09 15.14
N1A NAP J . -10.75 -21.86 17.02
C2A NAP J . -9.53 -21.92 17.61
N3A NAP J . -8.39 -22.25 16.96
C4A NAP J . -8.46 -22.59 15.66
O3 NAP J . -1.78 -22.34 10.74
PN NAP J . -0.28 -22.30 10.10
O1N NAP J . 0.68 -22.79 11.16
O2N NAP J . -0.25 -22.92 8.73
O5D NAP J . -0.11 -20.70 9.97
C5D NAP J . 0.03 -19.88 11.14
C4D NAP J . -0.45 -18.48 10.82
O4D NAP J . 0.24 -17.96 9.65
C3D NAP J . -1.94 -18.44 10.48
O3D NAP J . -2.52 -17.22 10.99
C2D NAP J . -1.97 -18.42 8.95
O2D NAP J . -3.14 -17.78 8.39
C1D NAP J . -0.72 -17.61 8.63
N1N NAP J . -0.23 -17.97 7.29
C2N NAP J . 0.27 -19.21 7.07
C3N NAP J . 0.73 -19.58 5.81
C7N NAP J . 1.30 -20.93 5.53
O7N NAP J . 1.90 -21.07 4.46
N7N NAP J . 1.15 -21.94 6.43
C4N NAP J . 0.67 -18.63 4.78
C5N NAP J . 0.15 -17.35 5.02
C6N NAP J . -0.30 -17.03 6.30
P2B NAP J . -6.10 -26.81 16.77
O1X NAP J . -5.78 -26.82 18.25
O2X NAP J . -5.20 -27.61 15.84
O3X NAP J . -7.57 -27.06 16.48
OAO CC6 K . -1.68 -19.57 1.29
CAI CC6 K . -1.78 -20.49 2.29
CAH CC6 K . -2.17 -20.08 3.57
OAN CC6 K . -2.46 -18.90 3.79
CAE CC6 K . -2.32 -21.06 4.56
CAD CC6 K . -2.83 -20.77 5.84
OAL CC6 K . -3.12 -19.48 6.13
CAC CC6 K . -3.00 -21.80 6.78
CAB CC6 K . -2.69 -23.13 6.43
OAM CC6 K . -2.84 -24.17 7.32
CAA CC6 K . -2.22 -23.42 5.18
CAF CC6 K . -2.05 -22.40 4.25
OAG CC6 K . -1.58 -22.73 3.01
CAJ CC6 K . -1.46 -21.82 2.01
CAK CC6 K . -1.11 -22.35 0.75
CAP CC6 K . -1.57 -23.64 0.50
CAT CC6 K . -1.30 -24.29 -0.70
CAS CC6 K . -0.57 -23.63 -1.69
CAR CC6 K . -0.12 -22.33 -1.45
CAQ CC6 K . -0.38 -21.69 -0.25
OAU CC6 K . 0.06 -20.42 -0.02
C ACT L . 1.61 22.53 -36.61
O ACT L . 2.11 22.54 -35.46
OXT ACT L . 1.20 23.59 -37.17
CH3 ACT L . 1.50 21.21 -37.31
C ACT M . 8.11 21.58 -33.85
O ACT M . 7.87 20.36 -33.81
OXT ACT M . 8.26 22.26 -32.80
CH3 ACT M . 8.23 22.18 -35.21
PA NAP N . -24.10 6.92 6.32
O1A NAP N . -25.07 8.06 6.14
O2A NAP N . -23.23 6.87 7.56
O5B NAP N . -24.85 5.50 6.16
C5B NAP N . -25.60 5.26 4.98
C4B NAP N . -26.79 4.36 5.28
O4B NAP N . -26.35 3.09 5.75
C3B NAP N . -27.70 4.87 6.39
O3B NAP N . -28.63 5.85 5.90
C2B NAP N . -28.37 3.60 6.90
O2B NAP N . -29.72 3.43 6.42
C1B NAP N . -27.47 2.48 6.33
N9A NAP N . -27.17 1.61 7.49
C8A NAP N . -26.49 1.89 8.62
N7A NAP N . -26.52 0.81 9.45
C5A NAP N . -27.26 -0.15 8.83
C6A NAP N . -27.74 -1.53 9.11
N6A NAP N . -27.42 -2.17 10.27
N1A NAP N . -28.50 -2.15 8.15
C2A NAP N . -28.82 -1.56 6.99
N3A NAP N . -28.43 -0.31 6.65
C4A NAP N . -27.68 0.40 7.53
O3 NAP N . -23.13 6.87 5.04
PN NAP N . -22.49 8.14 4.26
O1N NAP N . -23.55 8.62 3.30
O2N NAP N . -21.87 9.09 5.25
O5D NAP N . -21.33 7.37 3.46
C5D NAP N . -21.63 6.46 2.38
C4D NAP N . -20.51 5.43 2.27
O4D NAP N . -19.23 6.09 2.12
C3D NAP N . -20.37 4.58 3.53
O3D NAP N . -20.00 3.25 3.14
C2D NAP N . -19.23 5.19 4.30
O2D NAP N . -18.55 4.25 5.17
C1D NAP N . -18.33 5.70 3.18
N1N NAP N . -17.53 6.83 3.67
C2N NAP N . -18.11 8.00 3.99
C3N NAP N . -17.34 9.05 4.49
C7N NAP N . -17.98 10.36 4.87
O7N NAP N . -17.27 11.32 5.12
N7N NAP N . -19.32 10.42 4.93
C4N NAP N . -15.96 8.86 4.63
C5N NAP N . -15.38 7.64 4.29
C6N NAP N . -16.20 6.62 3.82
P2B NAP N . -31.08 3.99 7.10
O1X NAP N . -32.13 3.60 6.10
O2X NAP N . -30.85 5.49 7.25
O3X NAP N . -31.23 3.29 8.44
OAO CC6 O . -14.28 9.31 8.52
CAI CC6 O . -15.64 9.35 8.50
CAH CC6 O . -16.35 8.30 7.92
OAN CC6 O . -15.74 7.31 7.52
CAE CC6 O . -17.75 8.35 7.97
CAD CC6 O . -18.56 7.28 7.54
OAL CC6 O . -17.96 6.19 6.99
CAC CC6 O . -19.95 7.35 7.64
CAB CC6 O . -20.55 8.48 8.20
OAM CC6 O . -21.90 8.57 8.32
CAA CC6 O . -19.77 9.54 8.64
CAF CC6 O . -18.38 9.46 8.53
OAG CC6 O . -17.64 10.52 8.99
CAJ CC6 O . -16.28 10.50 8.99
CAK CC6 O . -15.63 11.57 9.61
CAP CC6 O . -16.26 12.09 10.75
CAT CC6 O . -15.72 13.15 11.45
CAS CC6 O . -14.52 13.71 11.01
CAR CC6 O . -13.87 13.20 9.88
CAQ CC6 O . -14.43 12.13 9.19
OAU CC6 O . -13.82 11.61 8.07
C ACT P . -18.62 8.70 -17.21
O ACT P . -17.91 9.14 -16.25
OXT ACT P . -19.78 9.10 -17.47
CH3 ACT P . -18.05 7.65 -18.11
#